data_6JJJ
#
_entry.id   6JJJ
#
_cell.length_a   75.150
_cell.length_b   75.190
_cell.length_c   61.200
_cell.angle_alpha   90.01
_cell.angle_beta   90.04
_cell.angle_gamma   120.06
#
_symmetry.space_group_name_H-M   'P 1'
#
loop_
_entity.id
_entity.type
_entity.pdbx_description
1 polymer 'C-type lectin domain family 4 member F'
2 non-polymer 'CALCIUM ION'
3 water water
#
_entity_poly.entity_id   1
_entity_poly.type   'polypeptide(L)'
_entity_poly.pdbx_seq_one_letter_code
;GALQEAVAAQKQEQKTQNQVLQLIAQNWKYFNGNFYYFSRDKKPWREAEKFCTSQGAHLASVTSQEEQAFLVQTTSSGDH
WIGLTDQGTEGIWRWVDGTPFNNAQSKGFWGKNQPDNWRHRNGEREDCVHVRQQWNDMACGSSYPWVCKKSTGWSAARVG
;
_entity_poly.pdbx_strand_id   A,B,C,D,E,F
#
loop_
_chem_comp.id
_chem_comp.type
_chem_comp.name
_chem_comp.formula
CA non-polymer 'CALCIUM ION' 'Ca 2'
#
# COMPACT_ATOMS: atom_id res chain seq x y z
N GLU A 5 4.95 28.43 -12.30
CA GLU A 5 6.25 28.49 -12.97
C GLU A 5 6.98 27.16 -12.76
N ALA A 6 8.18 27.21 -12.20
CA ALA A 6 8.94 26.00 -11.87
C ALA A 6 8.61 25.59 -10.44
N VAL A 7 7.62 24.71 -10.30
CA VAL A 7 7.10 24.31 -9.00
C VAL A 7 7.55 22.87 -8.73
N ALA A 8 8.55 22.72 -7.87
CA ALA A 8 9.01 21.41 -7.43
C ALA A 8 8.08 20.79 -6.39
N ALA A 9 6.89 21.37 -6.20
CA ALA A 9 5.92 20.75 -5.31
C ALA A 9 5.64 19.32 -5.75
N GLN A 10 5.63 19.08 -7.06
CA GLN A 10 5.57 17.70 -7.56
C GLN A 10 6.68 16.87 -6.95
N LYS A 11 7.90 17.42 -6.89
CA LYS A 11 9.01 16.73 -6.24
C LYS A 11 8.78 16.61 -4.74
N GLN A 12 8.26 17.67 -4.13
CA GLN A 12 7.98 17.65 -2.70
C GLN A 12 6.90 16.63 -2.36
N GLU A 13 5.88 16.58 -3.14
CA GLU A 13 4.93 15.60 -2.82
C GLU A 13 5.57 14.29 -3.02
N GLN A 14 5.99 14.08 -4.24
CA GLN A 14 6.50 12.76 -4.57
C GLN A 14 7.31 12.17 -3.43
N LYS A 15 8.08 13.00 -2.72
CA LYS A 15 8.89 12.48 -1.63
C LYS A 15 8.03 11.95 -0.48
N THR A 16 7.07 12.75 -0.02
CA THR A 16 6.14 12.24 0.99
C THR A 16 5.41 11.02 0.44
N GLN A 17 4.92 11.15 -0.74
CA GLN A 17 4.27 10.02 -1.27
C GLN A 17 5.15 8.83 -0.99
N ASN A 18 6.36 8.89 -1.44
CA ASN A 18 7.23 7.73 -1.32
C ASN A 18 7.30 7.24 0.11
N GLN A 19 7.38 8.17 1.08
CA GLN A 19 7.51 7.79 2.48
C GLN A 19 6.39 6.87 2.93
N VAL A 20 5.17 7.13 2.46
CA VAL A 20 4.04 6.32 2.88
C VAL A 20 4.08 4.95 2.22
N LEU A 21 4.63 4.86 1.00
CA LEU A 21 4.79 3.56 0.36
C LEU A 21 5.66 2.64 1.21
N GLN A 22 6.80 3.15 1.69
CA GLN A 22 7.67 2.35 2.54
C GLN A 22 6.91 1.86 3.77
N LEU A 23 6.00 2.68 4.29
CA LEU A 23 5.23 2.29 5.48
C LEU A 23 4.25 1.16 5.16
N ILE A 24 3.32 1.39 4.24
CA ILE A 24 2.34 0.36 3.93
C ILE A 24 3.02 -0.84 3.29
N ALA A 25 4.13 -0.63 2.59
CA ALA A 25 4.87 -1.76 2.04
C ALA A 25 5.41 -2.67 3.15
N GLN A 26 5.62 -2.12 4.34
CA GLN A 26 6.02 -2.89 5.51
C GLN A 26 4.84 -3.18 6.44
N ASN A 27 3.61 -3.05 5.95
CA ASN A 27 2.41 -3.38 6.70
C ASN A 27 2.21 -2.40 7.87
N TRP A 28 2.33 -1.12 7.57
CA TRP A 28 1.83 -0.07 8.45
C TRP A 28 0.41 0.26 8.02
N LYS A 29 -0.52 0.27 8.96
CA LYS A 29 -1.91 0.55 8.66
C LYS A 29 -2.27 1.97 9.10
N TYR A 30 -3.00 2.67 8.24
CA TYR A 30 -3.39 4.05 8.50
C TYR A 30 -4.69 4.10 9.30
N PHE A 31 -4.77 5.09 10.19
CA PHE A 31 -6.00 5.33 10.94
C PHE A 31 -5.97 6.74 11.50
N ASN A 32 -6.92 7.57 11.07
CA ASN A 32 -7.18 8.89 11.64
C ASN A 32 -5.88 9.66 11.94
N GLY A 33 -5.10 9.88 10.88
CA GLY A 33 -3.96 10.75 10.90
C GLY A 33 -2.63 10.08 11.15
N ASN A 34 -2.62 8.97 11.89
CA ASN A 34 -1.38 8.28 12.23
C ASN A 34 -1.30 6.94 11.52
N PHE A 35 -0.08 6.42 11.45
CA PHE A 35 0.18 5.07 10.96
C PHE A 35 0.50 4.15 12.13
N TYR A 36 -0.07 2.95 12.10
CA TYR A 36 0.11 1.96 13.15
C TYR A 36 0.75 0.71 12.58
N TYR A 37 1.64 0.10 13.36
CA TYR A 37 2.31 -1.14 12.99
C TYR A 37 2.04 -2.19 14.05
N PHE A 38 1.43 -3.30 13.66
CA PHE A 38 1.16 -4.41 14.55
C PHE A 38 2.22 -5.47 14.31
N SER A 39 3.01 -5.76 15.34
CA SER A 39 4.22 -6.54 15.15
C SER A 39 3.89 -8.00 14.84
N ARG A 40 4.82 -8.66 14.16
CA ARG A 40 4.73 -10.09 13.88
C ARG A 40 5.56 -10.94 14.84
N ASP A 41 6.55 -10.33 15.49
CA ASP A 41 7.35 -10.97 16.53
C ASP A 41 6.84 -10.54 17.91
N LYS A 42 7.36 -11.17 18.94
CA LYS A 42 7.04 -10.84 20.32
C LYS A 42 8.32 -10.53 21.08
N LYS A 43 8.34 -9.40 21.78
CA LYS A 43 9.55 -8.96 22.47
C LYS A 43 9.15 -8.27 23.76
N PRO A 44 10.10 -8.05 24.68
CA PRO A 44 9.80 -7.30 25.90
C PRO A 44 9.37 -5.86 25.63
N TRP A 45 8.98 -5.14 26.69
CA TRP A 45 8.45 -3.81 26.51
C TRP A 45 9.51 -2.84 25.99
N ARG A 46 10.70 -2.83 26.61
CA ARG A 46 11.75 -1.93 26.13
C ARG A 46 12.19 -2.30 24.72
N GLU A 47 12.45 -3.60 24.49
CA GLU A 47 12.84 -4.04 23.15
C GLU A 47 11.78 -3.63 22.13
N ALA A 48 10.51 -3.68 22.53
CA ALA A 48 9.45 -3.22 21.64
C ALA A 48 9.59 -1.73 21.36
N GLU A 49 9.98 -0.95 22.38
CA GLU A 49 10.12 0.48 22.21
C GLU A 49 11.34 0.82 21.35
N LYS A 50 12.46 0.12 21.59
CA LYS A 50 13.63 0.30 20.74
C LYS A 50 13.29 0.11 19.27
N PHE A 51 12.37 -0.82 18.97
CA PHE A 51 11.93 -1.01 17.59
C PHE A 51 11.16 0.21 17.10
N CYS A 52 10.09 0.59 17.82
CA CYS A 52 9.28 1.73 17.39
C CYS A 52 10.15 2.98 17.22
N THR A 53 11.15 3.15 18.09
CA THR A 53 12.08 4.27 17.94
C THR A 53 12.87 4.13 16.65
N SER A 54 13.42 2.94 16.40
CA SER A 54 14.20 2.73 15.19
C SER A 54 13.43 3.19 13.96
N GLN A 55 12.12 2.95 13.95
CA GLN A 55 11.28 3.36 12.84
C GLN A 55 10.67 4.73 13.07
N GLY A 56 11.28 5.56 13.92
CA GLY A 56 10.77 6.90 14.15
C GLY A 56 9.36 6.93 14.70
N ALA A 57 8.98 5.91 15.48
CA ALA A 57 7.66 5.80 16.06
C ALA A 57 7.79 5.57 17.56
N HIS A 58 6.65 5.52 18.24
CA HIS A 58 6.58 5.16 19.64
C HIS A 58 5.40 4.20 19.84
N LEU A 59 5.41 3.51 20.96
CA LEU A 59 4.33 2.59 21.29
C LEU A 59 3.00 3.35 21.36
N ALA A 60 2.00 2.84 20.66
CA ALA A 60 0.77 3.59 20.42
C ALA A 60 0.21 4.18 21.72
N SER A 61 -0.50 5.29 21.57
CA SER A 61 -1.21 5.96 22.65
C SER A 61 -2.70 5.96 22.33
N VAL A 62 -3.49 6.61 23.20
CA VAL A 62 -4.93 6.77 22.98
C VAL A 62 -5.31 8.22 23.30
N THR A 63 -5.38 9.06 22.27
CA THR A 63 -5.96 10.38 22.43
C THR A 63 -7.48 10.34 22.50
N SER A 64 -8.09 9.29 21.96
CA SER A 64 -9.54 9.15 21.89
C SER A 64 -9.92 7.72 22.24
N GLN A 65 -11.22 7.44 22.24
CA GLN A 65 -11.74 6.11 22.52
C GLN A 65 -12.01 5.31 21.25
N GLU A 66 -12.50 5.96 20.19
CA GLU A 66 -12.62 5.28 18.90
C GLU A 66 -11.26 4.79 18.41
N GLU A 67 -10.19 5.45 18.83
CA GLU A 67 -8.85 4.96 18.53
C GLU A 67 -8.62 3.59 19.14
N GLN A 68 -8.99 3.43 20.42
CA GLN A 68 -8.82 2.14 21.09
C GLN A 68 -9.58 1.04 20.35
N ALA A 69 -10.77 1.37 19.83
CA ALA A 69 -11.53 0.38 19.07
C ALA A 69 -10.70 -0.13 17.89
N PHE A 70 -10.09 0.78 17.14
CA PHE A 70 -9.24 0.38 16.03
C PHE A 70 -8.21 -0.66 16.48
N LEU A 71 -7.51 -0.37 17.57
CA LEU A 71 -6.57 -1.33 18.12
C LEU A 71 -7.27 -2.65 18.43
N VAL A 72 -8.32 -2.59 19.25
CA VAL A 72 -8.95 -3.81 19.76
C VAL A 72 -9.32 -4.75 18.62
N GLN A 73 -9.98 -4.23 17.58
CA GLN A 73 -10.42 -5.12 16.51
C GLN A 73 -9.25 -5.62 15.65
N THR A 74 -8.12 -4.90 15.66
CA THR A 74 -6.90 -5.41 15.05
C THR A 74 -6.11 -6.28 16.00
N THR A 75 -6.31 -6.13 17.31
CA THR A 75 -5.65 -6.95 18.32
C THR A 75 -6.62 -7.82 19.10
N SER A 76 -7.87 -7.89 18.68
CA SER A 76 -8.82 -8.81 19.32
C SER A 76 -8.23 -10.22 19.31
N SER A 77 -8.31 -10.90 20.45
CA SER A 77 -7.67 -12.19 20.63
C SER A 77 -6.14 -12.06 20.60
N GLY A 78 -5.62 -11.00 21.23
CA GLY A 78 -4.20 -10.77 21.26
C GLY A 78 -3.79 -9.69 22.24
N ASP A 79 -2.77 -9.97 23.06
CA ASP A 79 -2.25 -9.00 24.01
C ASP A 79 -1.07 -8.27 23.36
N HIS A 80 -1.19 -6.96 23.25
CA HIS A 80 -0.19 -6.12 22.58
C HIS A 80 0.29 -5.04 23.53
N TRP A 81 1.61 -4.93 23.68
CA TRP A 81 2.19 -3.84 24.45
C TRP A 81 1.69 -2.49 23.95
N ILE A 82 1.70 -1.48 24.81
CA ILE A 82 1.48 -0.09 24.42
C ILE A 82 2.37 0.80 25.27
N GLY A 83 2.36 2.10 24.94
CA GLY A 83 3.32 3.03 25.48
C GLY A 83 3.00 3.64 26.83
N LEU A 84 2.30 2.90 27.69
CA LEU A 84 1.98 3.37 29.03
C LEU A 84 2.85 2.67 30.05
N THR A 85 3.16 3.38 31.14
CA THR A 85 3.98 2.82 32.20
C THR A 85 4.04 3.77 33.39
N ASP A 86 4.13 3.19 34.58
CA ASP A 86 4.33 3.91 35.83
C ASP A 86 5.69 3.52 36.42
N GLN A 87 6.66 3.34 35.54
CA GLN A 87 8.01 2.91 35.90
C GLN A 87 8.73 3.93 36.75
N GLY A 88 8.97 5.13 36.21
CA GLY A 88 9.73 6.13 36.94
C GLY A 88 9.27 6.25 38.38
N THR A 89 7.97 6.46 38.61
CA THR A 89 7.38 6.40 39.95
C THR A 89 6.15 5.50 39.89
N GLU A 90 6.01 4.62 40.89
CA GLU A 90 4.97 3.60 40.84
C GLU A 90 3.58 4.19 40.72
N GLY A 91 3.38 5.41 41.18
CA GLY A 91 2.05 6.00 41.16
C GLY A 91 1.65 6.55 39.81
N ILE A 92 2.46 7.46 39.28
CA ILE A 92 2.07 8.19 38.07
C ILE A 92 2.34 7.32 36.86
N TRP A 93 1.34 7.24 35.98
CA TRP A 93 1.52 6.69 34.64
C TRP A 93 1.80 7.83 33.68
N ARG A 94 2.35 7.48 32.51
CA ARG A 94 2.62 8.48 31.49
C ARG A 94 2.92 7.78 30.18
N TRP A 95 2.49 8.40 29.08
CA TRP A 95 2.77 7.88 27.75
C TRP A 95 4.21 8.15 27.37
N VAL A 96 4.79 7.21 26.61
CA VAL A 96 6.19 7.33 26.23
C VAL A 96 6.39 8.34 25.11
N ASP A 97 5.35 8.59 24.30
CA ASP A 97 5.48 9.55 23.21
C ASP A 97 5.43 10.99 23.70
N GLY A 98 4.64 11.27 24.73
CA GLY A 98 4.51 12.63 25.24
C GLY A 98 3.10 13.02 25.62
N THR A 99 2.11 12.39 25.00
CA THR A 99 0.71 12.67 25.26
C THR A 99 0.42 12.73 26.77
N PRO A 100 -0.15 13.83 27.27
CA PRO A 100 -0.68 13.81 28.64
C PRO A 100 -2.05 13.15 28.72
N PHE A 101 -2.31 12.54 29.88
CA PHE A 101 -3.56 11.83 30.16
C PHE A 101 -4.08 11.98 31.58
N ASN A 102 -4.98 11.08 31.95
CA ASN A 102 -5.60 11.01 33.26
C ASN A 102 -6.92 11.69 33.35
N ASN A 103 -7.84 11.20 32.55
CA ASN A 103 -9.20 11.67 32.55
C ASN A 103 -9.54 12.96 31.75
N ALA A 104 -9.06 13.20 30.53
CA ALA A 104 -8.20 12.34 29.76
C ALA A 104 -8.73 10.96 29.88
N GLN A 105 -10.06 10.90 29.89
CA GLN A 105 -10.85 9.68 30.12
C GLN A 105 -10.12 8.81 31.10
N SER A 106 -9.08 8.18 30.56
CA SER A 106 -8.19 7.31 31.29
C SER A 106 -9.01 6.49 32.25
N LYS A 107 -9.80 5.60 31.72
CA LYS A 107 -10.66 4.79 32.53
C LYS A 107 -11.60 4.03 31.67
N GLY A 108 -12.21 3.02 32.22
CA GLY A 108 -13.07 2.17 31.43
C GLY A 108 -12.24 1.28 30.54
N PHE A 109 -11.13 1.81 30.04
CA PHE A 109 -10.21 1.02 29.23
C PHE A 109 -9.45 0.00 30.08
N TRP A 110 -9.43 0.16 31.39
CA TRP A 110 -8.79 -0.80 32.26
C TRP A 110 -9.75 -1.95 32.57
N GLY A 111 -9.16 -3.09 32.96
CA GLY A 111 -9.95 -4.22 33.42
C GLY A 111 -10.89 -3.85 34.55
N LYS A 112 -11.79 -4.76 34.91
CA LYS A 112 -12.77 -4.44 35.94
C LYS A 112 -12.10 -4.04 37.25
N ASN A 113 -10.95 -4.65 37.57
CA ASN A 113 -10.12 -4.25 38.70
C ASN A 113 -8.68 -4.21 38.19
N GLN A 114 -8.26 -3.04 37.68
CA GLN A 114 -6.96 -2.89 37.04
C GLN A 114 -6.65 -1.41 36.98
N PRO A 115 -5.39 -0.98 37.14
CA PRO A 115 -4.18 -1.80 37.37
C PRO A 115 -4.09 -2.40 38.77
N ASP A 116 -3.43 -3.56 38.87
CA ASP A 116 -3.23 -4.23 40.15
C ASP A 116 -1.79 -4.21 40.62
N ASN A 117 -0.83 -4.03 39.70
CA ASN A 117 0.59 -4.01 40.06
C ASN A 117 1.00 -5.33 40.71
N TRP A 118 0.54 -6.43 40.14
CA TRP A 118 0.76 -7.74 40.73
C TRP A 118 2.25 -8.02 40.87
N ARG A 119 2.61 -8.77 41.91
CA ARG A 119 4.00 -9.13 42.17
C ARG A 119 4.28 -10.47 41.48
N HIS A 120 5.15 -10.45 40.49
CA HIS A 120 5.46 -11.67 39.76
C HIS A 120 6.52 -12.49 40.50
N ARG A 121 6.61 -13.76 40.13
CA ARG A 121 7.53 -14.68 40.79
C ARG A 121 8.98 -14.34 40.51
N ASN A 122 9.31 -14.04 39.27
CA ASN A 122 10.69 -13.73 38.87
C ASN A 122 10.72 -12.42 38.09
N GLY A 123 10.93 -11.31 38.81
CA GLY A 123 10.66 -11.20 40.23
C GLY A 123 10.17 -9.79 40.41
N GLU A 124 9.40 -9.33 39.42
CA GLU A 124 9.10 -7.92 39.22
C GLU A 124 7.65 -7.58 39.51
N ARG A 125 7.42 -6.28 39.72
CA ARG A 125 6.08 -5.73 39.81
C ARG A 125 5.55 -5.56 38.39
N GLU A 126 4.46 -4.82 38.21
CA GLU A 126 3.90 -4.56 36.88
C GLU A 126 3.95 -3.07 36.59
N ASP A 127 4.77 -2.69 35.61
CA ASP A 127 4.94 -1.28 35.24
C ASP A 127 4.79 -1.06 33.73
N CYS A 128 4.18 -2.00 33.01
CA CYS A 128 3.99 -1.87 31.58
C CYS A 128 2.61 -2.39 31.23
N VAL A 129 2.01 -1.79 30.20
CA VAL A 129 0.62 -2.03 29.84
C VAL A 129 0.53 -2.68 28.47
N HIS A 130 -0.30 -3.71 28.36
CA HIS A 130 -0.65 -4.30 27.08
C HIS A 130 -2.18 -4.31 26.95
N VAL A 131 -2.67 -4.72 25.79
CA VAL A 131 -4.10 -4.69 25.51
C VAL A 131 -4.53 -5.99 24.85
N ARG A 132 -5.59 -6.60 25.38
CA ARG A 132 -6.32 -7.67 24.69
C ARG A 132 -7.73 -7.23 24.33
N GLN A 133 -8.51 -6.80 25.32
CA GLN A 133 -9.73 -6.03 25.11
C GLN A 133 -9.83 -4.83 26.04
N GLN A 134 -9.03 -4.79 27.09
CA GLN A 134 -8.93 -3.63 27.98
C GLN A 134 -7.53 -3.70 28.57
N TRP A 135 -7.04 -2.54 29.03
CA TRP A 135 -5.65 -2.47 29.46
C TRP A 135 -5.38 -3.39 30.64
N ASN A 136 -4.13 -3.79 30.79
CA ASN A 136 -3.68 -4.50 31.98
C ASN A 136 -2.21 -4.18 32.19
N ASP A 137 -1.84 -3.72 33.38
CA ASP A 137 -0.44 -3.52 33.70
C ASP A 137 0.24 -4.88 33.86
N MET A 138 1.49 -4.97 33.43
CA MET A 138 2.15 -6.26 33.28
C MET A 138 3.64 -6.10 33.58
N ALA A 139 4.27 -7.23 33.88
CA ALA A 139 5.72 -7.23 34.09
C ALA A 139 6.42 -6.89 32.77
N CYS A 140 7.28 -5.87 32.82
CA CYS A 140 7.85 -5.35 31.59
C CYS A 140 8.77 -6.38 30.93
N GLY A 141 9.46 -7.21 31.70
CA GLY A 141 10.34 -8.20 31.10
C GLY A 141 9.62 -9.23 30.24
N SER A 142 8.29 -9.30 30.33
CA SER A 142 7.55 -10.31 29.57
C SER A 142 7.52 -9.93 28.09
N SER A 143 7.64 -10.95 27.23
CA SER A 143 7.77 -10.74 25.79
C SER A 143 6.40 -10.87 25.12
N TYR A 144 5.72 -9.75 24.97
CA TYR A 144 4.50 -9.67 24.20
C TYR A 144 4.77 -8.99 22.87
N PRO A 145 3.86 -9.12 21.90
CA PRO A 145 3.93 -8.25 20.71
C PRO A 145 3.54 -6.83 21.08
N TRP A 146 3.50 -5.92 20.12
CA TRP A 146 3.30 -4.51 20.43
C TRP A 146 2.67 -3.79 19.24
N VAL A 147 2.41 -2.50 19.42
CA VAL A 147 1.90 -1.65 18.35
C VAL A 147 2.61 -0.30 18.42
N CYS A 148 3.16 0.14 17.30
CA CYS A 148 3.79 1.45 17.18
C CYS A 148 2.83 2.44 16.56
N LYS A 149 3.03 3.72 16.87
CA LYS A 149 2.24 4.80 16.26
C LYS A 149 3.18 5.85 15.69
N LYS A 150 2.79 6.41 14.54
CA LYS A 150 3.61 7.37 13.82
C LYS A 150 2.73 8.49 13.30
N SER A 151 3.26 9.71 13.36
CA SER A 151 2.52 10.90 12.95
C SER A 151 2.88 11.28 11.52
N THR A 152 1.93 11.92 10.85
CA THR A 152 2.14 12.43 9.50
C THR A 152 1.21 13.60 9.27
N GLY A 153 1.58 14.45 8.31
CA GLY A 153 0.69 15.50 7.85
C GLY A 153 -0.01 15.08 6.57
N TRP A 154 -0.32 13.79 6.49
CA TRP A 154 -0.83 13.15 5.28
C TRP A 154 -2.20 12.56 5.54
N SER A 155 -3.13 12.79 4.61
CA SER A 155 -4.49 12.26 4.74
C SER A 155 -5.09 12.01 3.36
N GLU B 5 15.48 22.17 -15.20
CA GLU B 5 15.18 22.28 -16.60
C GLU B 5 13.97 21.42 -16.80
N ALA B 6 13.85 20.80 -17.93
CA ALA B 6 12.75 19.93 -18.17
C ALA B 6 13.22 18.59 -17.81
N VAL B 7 12.89 18.16 -16.62
CA VAL B 7 13.29 16.83 -16.18
C VAL B 7 12.10 15.94 -15.89
N ALA B 8 12.06 14.88 -16.67
CA ALA B 8 11.01 13.91 -16.62
C ALA B 8 11.25 12.90 -15.60
N ALA B 9 12.29 13.05 -14.80
CA ALA B 9 12.55 12.08 -13.77
C ALA B 9 11.32 11.96 -12.96
N GLN B 10 10.65 13.06 -12.79
CA GLN B 10 9.48 12.84 -12.09
C GLN B 10 8.93 11.67 -12.82
N LYS B 11 8.51 11.91 -14.03
CA LYS B 11 7.77 10.88 -14.75
C LYS B 11 8.40 9.51 -14.53
N GLN B 12 9.74 9.44 -14.53
CA GLN B 12 10.42 8.18 -14.28
C GLN B 12 10.10 7.65 -12.89
N GLU B 13 10.23 8.52 -11.88
CA GLU B 13 9.89 8.10 -10.52
C GLU B 13 8.41 7.75 -10.43
N GLN B 14 7.55 8.56 -11.06
CA GLN B 14 6.13 8.27 -11.06
C GLN B 14 5.85 6.87 -11.60
N LYS B 15 6.64 6.43 -12.57
CA LYS B 15 6.45 5.10 -13.13
C LYS B 15 6.77 4.01 -12.12
N THR B 16 7.94 4.08 -11.50
CA THR B 16 8.28 3.16 -10.42
C THR B 16 7.32 3.31 -9.25
N GLN B 17 7.11 4.54 -8.78
CA GLN B 17 6.16 4.79 -7.70
C GLN B 17 4.82 4.11 -7.97
N ASN B 18 4.42 4.02 -9.24
CA ASN B 18 3.20 3.30 -9.57
C ASN B 18 3.41 1.78 -9.49
N GLN B 19 4.57 1.30 -9.95
CA GLN B 19 4.81 -0.14 -9.98
C GLN B 19 4.64 -0.76 -8.60
N VAL B 20 5.09 -0.06 -7.56
CA VAL B 20 5.02 -0.60 -6.21
C VAL B 20 3.58 -0.54 -5.69
N LEU B 21 2.80 0.45 -6.12
CA LEU B 21 1.40 0.49 -5.76
C LEU B 21 0.67 -0.77 -6.23
N GLN B 22 0.89 -1.16 -7.49
CA GLN B 22 0.28 -2.36 -8.02
C GLN B 22 0.65 -3.58 -7.16
N LEU B 23 1.89 -3.61 -6.66
CA LEU B 23 2.33 -4.74 -5.86
C LEU B 23 1.62 -4.78 -4.51
N ILE B 24 1.80 -3.74 -3.69
CA ILE B 24 1.20 -3.76 -2.36
C ILE B 24 -0.32 -3.76 -2.44
N ALA B 25 -0.89 -3.18 -3.50
CA ALA B 25 -2.33 -3.25 -3.69
C ALA B 25 -2.80 -4.69 -3.87
N GLN B 26 -1.92 -5.58 -4.33
CA GLN B 26 -2.21 -7.01 -4.43
C GLN B 26 -1.58 -7.80 -3.30
N ASN B 27 -1.22 -7.13 -2.20
CA ASN B 27 -0.69 -7.79 -1.01
C ASN B 27 0.68 -8.43 -1.28
N TRP B 28 1.56 -7.66 -1.90
CA TRP B 28 2.98 -7.98 -1.90
C TRP B 28 3.60 -7.26 -0.72
N LYS B 29 4.35 -7.99 0.10
CA LYS B 29 4.97 -7.41 1.28
C LYS B 29 6.45 -7.17 1.05
N TYR B 30 6.91 -5.99 1.46
CA TYR B 30 8.31 -5.59 1.27
C TYR B 30 9.15 -6.09 2.42
N PHE B 31 10.39 -6.46 2.12
CA PHE B 31 11.34 -6.84 3.15
C PHE B 31 12.74 -6.75 2.57
N ASN B 32 13.56 -5.88 3.15
CA ASN B 32 14.99 -5.79 2.85
C ASN B 32 15.27 -5.93 1.36
N GLY B 33 14.68 -5.03 0.59
CA GLY B 33 14.98 -4.89 -0.81
C GLY B 33 14.05 -5.63 -1.74
N ASN B 34 13.45 -6.72 -1.29
CA ASN B 34 12.63 -7.55 -2.16
C ASN B 34 11.17 -7.42 -1.78
N PHE B 35 10.31 -7.80 -2.72
CA PHE B 35 8.86 -7.90 -2.48
C PHE B 35 8.48 -9.37 -2.42
N TYR B 36 7.67 -9.72 -1.43
CA TYR B 36 7.25 -11.10 -1.20
C TYR B 36 5.74 -11.20 -1.25
N TYR B 37 5.25 -12.26 -1.88
CA TYR B 37 3.82 -12.54 -1.97
C TYR B 37 3.53 -13.91 -1.35
N PHE B 38 2.71 -13.91 -0.31
CA PHE B 38 2.28 -15.13 0.36
C PHE B 38 0.91 -15.51 -0.17
N SER B 39 0.81 -16.66 -0.84
CA SER B 39 -0.37 -16.98 -1.60
C SER B 39 -1.57 -17.27 -0.69
N ARG B 40 -2.76 -17.08 -1.25
CA ARG B 40 -3.99 -17.42 -0.56
C ARG B 40 -4.58 -18.76 -1.02
N ASP B 41 -4.18 -19.25 -2.19
CA ASP B 41 -4.55 -20.56 -2.69
C ASP B 41 -3.40 -21.53 -2.46
N LYS B 42 -3.66 -22.81 -2.72
CA LYS B 42 -2.64 -23.86 -2.61
C LYS B 42 -2.56 -24.59 -3.95
N LYS B 43 -1.35 -24.75 -4.46
CA LYS B 43 -1.15 -25.35 -5.77
C LYS B 43 0.15 -26.14 -5.77
N PRO B 44 0.37 -27.01 -6.75
CA PRO B 44 1.62 -27.76 -6.83
C PRO B 44 2.83 -26.85 -7.00
N TRP B 45 4.01 -27.46 -6.95
CA TRP B 45 5.25 -26.69 -6.99
C TRP B 45 5.43 -25.98 -8.32
N ARG B 46 5.30 -26.72 -9.44
CA ARG B 46 5.42 -26.11 -10.75
C ARG B 46 4.31 -25.09 -10.99
N GLU B 47 3.06 -25.47 -10.69
CA GLU B 47 1.96 -24.52 -10.82
C GLU B 47 2.21 -23.28 -9.99
N ALA B 48 2.81 -23.45 -8.81
CA ALA B 48 3.15 -22.30 -7.99
C ALA B 48 4.22 -21.45 -8.68
N GLU B 49 5.17 -22.09 -9.35
CA GLU B 49 6.24 -21.35 -10.02
C GLU B 49 5.70 -20.63 -11.26
N LYS B 50 4.86 -21.29 -12.03
CA LYS B 50 4.22 -20.65 -13.18
C LYS B 50 3.52 -19.36 -12.77
N PHE B 51 2.94 -19.32 -11.56
CA PHE B 51 2.34 -18.09 -11.06
C PHE B 51 3.39 -17.03 -10.80
N CYS B 52 4.39 -17.37 -9.98
CA CYS B 52 5.43 -16.40 -9.65
C CYS B 52 6.07 -15.84 -10.91
N THR B 53 6.25 -16.67 -11.94
CA THR B 53 6.79 -16.20 -13.21
C THR B 53 5.83 -15.21 -13.87
N SER B 54 4.55 -15.59 -13.96
CA SER B 54 3.56 -14.70 -14.56
C SER B 54 3.62 -13.31 -13.93
N GLN B 55 3.85 -13.26 -12.62
CA GLN B 55 3.95 -12.01 -11.90
C GLN B 55 5.40 -11.51 -11.82
N GLY B 56 6.25 -11.91 -12.76
CA GLY B 56 7.62 -11.43 -12.81
C GLY B 56 8.43 -11.71 -11.57
N ALA B 57 8.11 -12.81 -10.88
CA ALA B 57 8.81 -13.22 -9.67
C ALA B 57 9.20 -14.68 -9.80
N HIS B 58 9.87 -15.18 -8.76
CA HIS B 58 10.16 -16.60 -8.63
C HIS B 58 9.86 -17.03 -7.20
N LEU B 59 9.72 -18.34 -6.99
CA LEU B 59 9.49 -18.86 -5.64
C LEU B 59 10.64 -18.42 -4.73
N ALA B 60 10.29 -17.86 -3.57
CA ALA B 60 11.27 -17.17 -2.75
C ALA B 60 12.52 -18.00 -2.56
N SER B 61 13.64 -17.30 -2.36
CA SER B 61 14.93 -17.89 -2.02
C SER B 61 15.33 -17.40 -0.64
N VAL B 62 16.51 -17.82 -0.19
CA VAL B 62 17.08 -17.32 1.06
C VAL B 62 18.53 -16.97 0.86
N THR B 63 18.81 -15.71 0.58
CA THR B 63 20.20 -15.25 0.59
C THR B 63 20.73 -15.07 2.00
N SER B 64 19.85 -14.90 2.98
CA SER B 64 20.24 -14.64 4.36
C SER B 64 19.37 -15.47 5.30
N GLN B 65 19.63 -15.33 6.60
CA GLN B 65 18.86 -16.01 7.63
C GLN B 65 17.77 -15.14 8.22
N GLU B 66 18.03 -13.83 8.42
CA GLU B 66 16.97 -12.93 8.84
C GLU B 66 15.83 -12.94 7.82
N GLU B 67 16.13 -13.23 6.56
CA GLU B 67 15.08 -13.42 5.57
C GLU B 67 14.18 -14.59 5.95
N GLN B 68 14.77 -15.72 6.34
CA GLN B 68 13.97 -16.87 6.72
C GLN B 68 13.04 -16.54 7.88
N ALA B 69 13.53 -15.75 8.84
CA ALA B 69 12.67 -15.33 9.94
C ALA B 69 11.44 -14.60 9.42
N PHE B 70 11.67 -13.63 8.52
CA PHE B 70 10.55 -12.93 7.89
C PHE B 70 9.56 -13.93 7.29
N LEU B 71 10.05 -14.86 6.48
CA LEU B 71 9.19 -15.91 5.95
C LEU B 71 8.54 -16.69 7.08
N VAL B 72 9.36 -17.28 7.95
CA VAL B 72 8.85 -18.19 8.98
C VAL B 72 7.77 -17.50 9.80
N GLN B 73 8.03 -16.29 10.29
CA GLN B 73 7.06 -15.62 11.14
C GLN B 73 5.86 -15.11 10.36
N THR B 74 5.97 -14.94 9.04
CA THR B 74 4.81 -14.69 8.20
C THR B 74 4.12 -15.99 7.79
N THR B 75 4.86 -17.10 7.79
CA THR B 75 4.31 -18.41 7.50
C THR B 75 4.36 -19.35 8.71
N SER B 76 4.70 -18.83 9.89
CA SER B 76 4.66 -19.63 11.09
C SER B 76 3.29 -20.28 11.22
N SER B 77 3.28 -21.59 11.51
CA SER B 77 2.04 -22.37 11.48
C SER B 77 1.48 -22.44 10.07
N GLY B 78 2.36 -22.66 9.10
CA GLY B 78 1.95 -22.72 7.71
C GLY B 78 3.00 -23.30 6.78
N ASP B 79 2.57 -24.21 5.91
CA ASP B 79 3.45 -24.88 4.96
C ASP B 79 3.45 -24.12 3.64
N HIS B 80 4.62 -23.60 3.25
CA HIS B 80 4.75 -22.79 2.05
C HIS B 80 5.86 -23.29 1.16
N TRP B 81 5.54 -23.54 -0.11
CA TRP B 81 6.55 -23.87 -1.11
C TRP B 81 7.62 -22.78 -1.15
N ILE B 82 8.82 -23.17 -1.59
CA ILE B 82 9.89 -22.23 -1.92
C ILE B 82 10.64 -22.77 -3.13
N GLY B 83 11.57 -21.96 -3.62
CA GLY B 83 12.20 -22.21 -4.90
C GLY B 83 13.38 -23.16 -4.91
N LEU B 84 13.41 -24.12 -4.00
CA LEU B 84 14.46 -25.12 -3.96
C LEU B 84 13.95 -26.45 -4.50
N THR B 85 14.84 -27.20 -5.14
CA THR B 85 14.46 -28.49 -5.70
C THR B 85 15.71 -29.20 -6.23
N ASP B 86 15.70 -30.54 -6.13
CA ASP B 86 16.78 -31.37 -6.64
C ASP B 86 16.29 -32.31 -7.73
N GLN B 87 15.39 -31.85 -8.58
CA GLN B 87 14.90 -32.70 -9.66
C GLN B 87 15.96 -33.13 -10.66
N GLY B 88 16.56 -32.17 -11.37
CA GLY B 88 17.49 -32.49 -12.44
C GLY B 88 18.38 -33.67 -12.09
N THR B 89 19.09 -33.59 -10.97
CA THR B 89 19.79 -34.76 -10.41
C THR B 89 19.44 -34.83 -8.93
N GLU B 90 19.14 -36.05 -8.45
CA GLU B 90 18.62 -36.22 -7.10
C GLU B 90 19.55 -35.66 -6.04
N GLY B 91 20.85 -35.55 -6.32
CA GLY B 91 21.79 -35.13 -5.32
C GLY B 91 21.81 -33.63 -5.09
N ILE B 92 22.06 -32.86 -6.15
CA ILE B 92 22.26 -31.43 -5.97
C ILE B 92 20.90 -30.75 -5.89
N TRP B 93 20.76 -29.81 -4.96
CA TRP B 93 19.65 -28.88 -4.94
C TRP B 93 20.06 -27.63 -5.72
N ARG B 94 19.09 -26.79 -6.06
CA ARG B 94 19.40 -25.53 -6.72
C ARG B 94 18.17 -24.63 -6.71
N TRP B 95 18.39 -23.32 -6.56
CA TRP B 95 17.28 -22.38 -6.59
C TRP B 95 16.81 -22.15 -8.02
N VAL B 96 15.50 -21.96 -8.18
CA VAL B 96 14.96 -21.73 -9.52
C VAL B 96 15.14 -20.30 -9.99
N ASP B 97 15.32 -19.34 -9.07
CA ASP B 97 15.45 -17.95 -9.49
C ASP B 97 16.80 -17.69 -10.14
N GLY B 98 17.85 -18.36 -9.67
CA GLY B 98 19.18 -18.18 -10.20
C GLY B 98 20.20 -18.14 -9.07
N THR B 99 19.75 -17.71 -7.90
CA THR B 99 20.60 -17.62 -6.73
C THR B 99 21.41 -18.90 -6.58
N PRO B 100 22.74 -18.83 -6.50
CA PRO B 100 23.52 -20.00 -6.09
C PRO B 100 23.50 -20.20 -4.58
N PHE B 101 23.61 -21.47 -4.19
CA PHE B 101 23.50 -21.87 -2.79
C PHE B 101 24.59 -22.93 -2.55
N ASN B 102 24.35 -23.79 -1.55
CA ASN B 102 25.23 -24.88 -1.18
C ASN B 102 26.34 -24.43 -0.23
N ASN B 103 26.10 -23.33 0.45
CA ASN B 103 27.02 -22.87 1.48
C ASN B 103 27.25 -24.02 2.45
N ALA B 104 28.38 -24.04 3.16
CA ALA B 104 28.43 -24.76 4.43
C ALA B 104 27.20 -24.41 5.26
N GLN B 105 26.67 -23.20 5.08
CA GLN B 105 25.36 -22.79 5.59
C GLN B 105 24.29 -23.49 4.77
N SER B 106 23.04 -23.02 4.84
CA SER B 106 21.91 -23.63 4.15
C SER B 106 21.53 -24.88 4.91
N LYS B 107 22.31 -25.26 5.93
CA LYS B 107 22.05 -26.29 6.92
C LYS B 107 21.55 -25.60 8.18
N GLY B 108 20.82 -26.36 9.00
CA GLY B 108 20.14 -25.81 10.13
C GLY B 108 18.72 -25.38 9.83
N PHE B 109 18.48 -24.89 8.62
CA PHE B 109 17.13 -24.58 8.17
C PHE B 109 16.30 -25.84 7.96
N TRP B 110 16.94 -27.01 7.92
CA TRP B 110 16.25 -28.29 7.74
C TRP B 110 15.76 -28.84 9.07
N GLY B 111 14.78 -29.74 9.00
CA GLY B 111 14.34 -30.51 10.16
C GLY B 111 15.50 -31.27 10.79
N LYS B 112 15.23 -31.87 11.95
CA LYS B 112 16.31 -32.54 12.67
C LYS B 112 16.99 -33.60 11.80
N ASN B 113 16.21 -34.29 10.96
CA ASN B 113 16.73 -35.24 9.98
C ASN B 113 16.04 -34.96 8.65
N GLN B 114 16.64 -34.09 7.84
CA GLN B 114 16.03 -33.64 6.59
C GLN B 114 17.13 -33.04 5.74
N PRO B 115 17.11 -33.20 4.40
CA PRO B 115 16.09 -33.91 3.60
C PRO B 115 16.14 -35.43 3.70
N ASP B 116 14.99 -36.08 3.52
CA ASP B 116 14.91 -37.53 3.56
C ASP B 116 14.59 -38.17 2.21
N ASN B 117 14.00 -37.43 1.27
CA ASN B 117 13.66 -37.99 -0.03
C ASN B 117 12.66 -39.13 0.11
N TRP B 118 11.67 -38.95 0.97
CA TRP B 118 10.75 -40.02 1.30
C TRP B 118 9.98 -40.51 0.08
N ARG B 119 9.65 -41.81 0.09
CA ARG B 119 8.88 -42.43 -0.99
C ARG B 119 7.40 -42.37 -0.64
N HIS B 120 6.63 -41.62 -1.44
CA HIS B 120 5.21 -41.42 -1.21
C HIS B 120 4.39 -42.54 -1.83
N ARG B 121 3.13 -42.62 -1.42
CA ARG B 121 2.25 -43.70 -1.87
C ARG B 121 1.99 -43.63 -3.37
N ASN B 122 1.85 -42.43 -3.91
CA ASN B 122 1.59 -42.27 -5.35
C ASN B 122 2.89 -42.20 -6.13
N GLY B 123 3.72 -43.22 -5.91
CA GLY B 123 4.99 -43.40 -6.57
C GLY B 123 5.83 -42.17 -6.81
N GLU B 124 5.87 -41.26 -5.83
CA GLU B 124 6.61 -40.02 -5.98
C GLU B 124 7.71 -39.96 -4.92
N ARG B 125 8.87 -39.43 -5.31
CA ARG B 125 9.91 -39.07 -4.36
C ARG B 125 9.64 -37.65 -3.87
N GLU B 126 10.62 -37.06 -3.20
CA GLU B 126 10.53 -35.68 -2.73
C GLU B 126 11.63 -34.85 -3.37
N ASP B 127 11.23 -33.92 -4.25
CA ASP B 127 12.17 -33.05 -4.95
C ASP B 127 11.80 -31.58 -4.84
N CYS B 128 10.97 -31.21 -3.89
CA CYS B 128 10.54 -29.82 -3.72
C CYS B 128 10.51 -29.51 -2.24
N VAL B 129 10.80 -28.26 -1.92
CA VAL B 129 11.01 -27.83 -0.54
C VAL B 129 9.90 -26.86 -0.14
N HIS B 130 9.35 -27.06 1.04
CA HIS B 130 8.42 -26.12 1.66
C HIS B 130 8.90 -25.79 3.05
N VAL B 131 8.21 -24.85 3.71
CA VAL B 131 8.62 -24.34 5.00
C VAL B 131 7.40 -24.26 5.92
N ARG B 132 7.53 -24.84 7.12
CA ARG B 132 6.60 -24.59 8.22
C ARG B 132 7.31 -23.87 9.36
N GLN B 133 8.38 -24.45 9.88
CA GLN B 133 9.33 -23.76 10.75
C GLN B 133 10.77 -24.01 10.34
N GLN B 134 11.02 -25.05 9.54
CA GLN B 134 12.32 -25.35 8.94
C GLN B 134 12.01 -26.15 7.69
N TRP B 135 12.95 -26.17 6.75
CA TRP B 135 12.69 -26.76 5.45
C TRP B 135 12.40 -28.26 5.53
N ASN B 136 11.65 -28.74 4.54
CA ASN B 136 11.42 -30.17 4.35
C ASN B 136 11.20 -30.44 2.87
N ASP B 137 11.98 -31.35 2.30
CA ASP B 137 11.75 -31.74 0.91
C ASP B 137 10.45 -32.55 0.83
N MET B 138 9.72 -32.38 -0.26
CA MET B 138 8.35 -32.86 -0.35
C MET B 138 8.06 -33.30 -1.78
N ALA B 139 7.03 -34.12 -1.94
CA ALA B 139 6.58 -34.52 -3.26
C ALA B 139 6.03 -33.31 -4.00
N CYS B 140 6.57 -33.05 -5.19
CA CYS B 140 6.25 -31.81 -5.88
C CYS B 140 4.78 -31.74 -6.29
N GLY B 141 4.18 -32.87 -6.63
CA GLY B 141 2.78 -32.85 -7.00
C GLY B 141 1.83 -32.41 -5.89
N SER B 142 2.31 -32.34 -4.65
CA SER B 142 1.44 -31.95 -3.55
C SER B 142 1.11 -30.47 -3.63
N SER B 143 -0.14 -30.13 -3.31
CA SER B 143 -0.65 -28.76 -3.49
C SER B 143 -0.53 -27.99 -2.18
N TYR B 144 0.59 -27.28 -2.03
CA TYR B 144 0.79 -26.38 -0.92
C TYR B 144 0.63 -24.94 -1.40
N PRO B 145 0.45 -23.99 -0.47
CA PRO B 145 0.62 -22.58 -0.84
C PRO B 145 2.08 -22.27 -1.08
N TRP B 146 2.42 -21.03 -1.38
CA TRP B 146 3.80 -20.73 -1.75
C TRP B 146 4.10 -19.27 -1.45
N VAL B 147 5.35 -18.89 -1.69
CA VAL B 147 5.79 -17.51 -1.55
C VAL B 147 6.66 -17.17 -2.76
N CYS B 148 6.34 -16.08 -3.42
CA CYS B 148 7.15 -15.55 -4.51
C CYS B 148 8.05 -14.45 -3.96
N LYS B 149 9.18 -14.25 -4.64
CA LYS B 149 10.11 -13.17 -4.31
C LYS B 149 10.40 -12.37 -5.57
N LYS B 150 10.50 -11.04 -5.40
CA LYS B 150 10.71 -10.13 -6.50
C LYS B 150 11.74 -9.08 -6.08
N SER B 151 12.63 -8.74 -6.99
CA SER B 151 13.69 -7.77 -6.74
C SER B 151 13.30 -6.40 -7.26
N THR B 152 13.87 -5.37 -6.63
CA THR B 152 13.65 -3.99 -7.05
C THR B 152 14.84 -3.15 -6.65
N GLY B 153 15.00 -2.01 -7.33
CA GLY B 153 15.97 -1.02 -6.91
C GLY B 153 15.29 0.06 -6.10
N TRP B 154 14.31 -0.34 -5.32
CA TRP B 154 13.43 0.55 -4.58
C TRP B 154 13.54 0.28 -3.08
N SER B 155 13.65 1.34 -2.30
CA SER B 155 13.77 1.20 -0.85
C SER B 155 13.16 2.41 -0.14
N GLU C 5 9.50 -50.18 -10.39
CA GLU C 5 8.15 -50.15 -9.84
C GLU C 5 7.34 -49.01 -10.47
N ALA C 6 6.43 -48.40 -9.72
CA ALA C 6 5.62 -47.31 -10.26
C ALA C 6 6.44 -46.04 -10.19
N VAL C 7 7.16 -45.77 -11.27
CA VAL C 7 8.09 -44.65 -11.36
C VAL C 7 7.42 -43.60 -12.24
N ALA C 8 6.83 -42.60 -11.60
CA ALA C 8 6.24 -41.48 -12.30
C ALA C 8 7.28 -40.48 -12.79
N ALA C 9 8.57 -40.84 -12.70
CA ALA C 9 9.61 -39.97 -13.23
C ALA C 9 9.42 -39.72 -14.72
N GLN C 10 8.93 -40.72 -15.46
CA GLN C 10 8.60 -40.50 -16.86
C GLN C 10 7.63 -39.33 -17.01
N LYS C 11 6.61 -39.28 -16.14
CA LYS C 11 5.68 -38.15 -16.18
C LYS C 11 6.36 -36.87 -15.72
N GLN C 12 7.24 -36.95 -14.72
CA GLN C 12 7.97 -35.77 -14.27
C GLN C 12 8.86 -35.21 -15.36
N GLU C 13 9.67 -36.08 -15.99
CA GLU C 13 10.53 -35.63 -17.08
C GLU C 13 9.69 -35.12 -18.26
N GLN C 14 8.61 -35.83 -18.58
CA GLN C 14 7.75 -35.43 -19.69
C GLN C 14 7.25 -34.01 -19.51
N LYS C 15 6.97 -33.60 -18.27
CA LYS C 15 6.50 -32.24 -18.03
C LYS C 15 7.61 -31.23 -18.36
N THR C 16 8.81 -31.46 -17.83
CA THR C 16 9.94 -30.63 -18.22
C THR C 16 10.16 -30.70 -19.73
N GLN C 17 10.21 -31.93 -20.26
CA GLN C 17 10.34 -32.15 -21.69
C GLN C 17 9.29 -31.35 -22.48
N ASN C 18 8.11 -31.15 -21.90
CA ASN C 18 7.11 -30.33 -22.57
C ASN C 18 7.45 -28.85 -22.50
N GLN C 19 7.94 -28.39 -21.35
CA GLN C 19 8.22 -26.97 -21.17
C GLN C 19 9.19 -26.46 -22.23
N VAL C 20 10.20 -27.27 -22.58
CA VAL C 20 11.18 -26.82 -23.55
C VAL C 20 10.59 -26.81 -24.95
N LEU C 21 9.65 -27.72 -25.24
CA LEU C 21 8.97 -27.67 -26.52
C LEU C 21 8.26 -26.34 -26.71
N GLN C 22 7.50 -25.91 -25.69
CA GLN C 22 6.82 -24.62 -25.75
C GLN C 22 7.83 -23.50 -26.00
N LEU C 23 9.03 -23.62 -25.42
CA LEU C 23 10.03 -22.57 -25.58
C LEU C 23 10.54 -22.52 -27.01
N ILE C 24 11.14 -23.61 -27.49
CA ILE C 24 11.69 -23.59 -28.84
C ILE C 24 10.57 -23.45 -29.87
N ALA C 25 9.37 -23.94 -29.56
CA ALA C 25 8.24 -23.71 -30.45
C ALA C 25 7.92 -22.23 -30.59
N GLN C 26 8.29 -21.43 -29.59
CA GLN C 26 8.19 -19.98 -29.65
C GLN C 26 9.53 -19.33 -29.95
N ASN C 27 10.49 -20.12 -30.44
CA ASN C 27 11.78 -19.62 -30.90
C ASN C 27 12.61 -19.07 -29.73
N TRP C 28 12.69 -19.86 -28.65
CA TRP C 28 13.68 -19.64 -27.60
C TRP C 28 14.91 -20.47 -27.95
N LYS C 29 16.08 -19.85 -27.92
CA LYS C 29 17.33 -20.54 -28.26
C LYS C 29 18.12 -20.87 -27.00
N TYR C 30 18.64 -22.08 -26.95
CA TYR C 30 19.40 -22.57 -25.81
C TYR C 30 20.86 -22.16 -25.93
N PHE C 31 21.48 -21.88 -24.79
CA PHE C 31 22.91 -21.61 -24.75
C PHE C 31 23.40 -21.78 -23.32
N ASN C 32 24.29 -22.75 -23.11
CA ASN C 32 25.02 -22.94 -21.86
C ASN C 32 24.13 -22.72 -20.63
N GLY C 33 23.08 -23.54 -20.55
CA GLY C 33 22.24 -23.64 -19.37
C GLY C 33 20.99 -22.81 -19.42
N ASN C 34 20.99 -21.69 -20.14
CA ASN C 34 19.87 -20.78 -20.18
C ASN C 34 19.20 -20.82 -21.55
N PHE C 35 17.96 -20.35 -21.58
CA PHE C 35 17.22 -20.11 -22.82
C PHE C 35 17.11 -18.62 -23.07
N TYR C 36 17.36 -18.22 -24.31
CA TYR C 36 17.35 -16.83 -24.71
C TYR C 36 16.29 -16.59 -25.77
N TYR C 37 15.62 -15.44 -25.69
CA TYR C 37 14.61 -15.05 -26.67
C TYR C 37 14.99 -13.70 -27.28
N PHE C 38 15.19 -13.68 -28.59
CA PHE C 38 15.49 -12.46 -29.33
C PHE C 38 14.21 -11.96 -29.97
N SER C 39 13.77 -10.77 -29.56
CA SER C 39 12.43 -10.32 -29.91
C SER C 39 12.32 -9.97 -31.39
N ARG C 40 11.10 -10.03 -31.90
CA ARG C 40 10.79 -9.62 -33.25
C ARG C 40 10.19 -8.22 -33.32
N ASP C 41 9.64 -7.73 -32.22
CA ASP C 41 9.15 -6.35 -32.12
C ASP C 41 10.18 -5.50 -31.38
N LYS C 42 9.94 -4.19 -31.37
CA LYS C 42 10.79 -3.24 -30.65
C LYS C 42 9.93 -2.45 -29.68
N LYS C 43 10.38 -2.37 -28.43
CA LYS C 43 9.61 -1.72 -27.37
C LYS C 43 10.57 -1.06 -26.41
N PRO C 44 10.07 -0.17 -25.55
CA PRO C 44 10.94 0.47 -24.56
C PRO C 44 11.54 -0.54 -23.60
N TRP C 45 12.44 -0.04 -22.75
CA TRP C 45 13.15 -0.93 -21.82
C TRP C 45 12.17 -1.52 -20.81
N ARG C 46 11.34 -0.68 -20.20
CA ARG C 46 10.35 -1.16 -19.24
C ARG C 46 9.34 -2.09 -19.91
N GLU C 47 8.79 -1.68 -21.05
CA GLU C 47 7.87 -2.55 -21.78
C GLU C 47 8.53 -3.87 -22.14
N ALA C 48 9.82 -3.83 -22.49
CA ALA C 48 10.55 -5.06 -22.79
C ALA C 48 10.67 -5.96 -21.57
N GLU C 49 10.86 -5.36 -20.38
CA GLU C 49 11.00 -6.17 -19.18
C GLU C 49 9.68 -6.79 -18.76
N LYS C 50 8.59 -6.03 -18.85
CA LYS C 50 7.26 -6.59 -18.57
C LYS C 50 7.02 -7.83 -19.42
N PHE C 51 7.53 -7.86 -20.65
CA PHE C 51 7.40 -9.04 -21.50
C PHE C 51 8.20 -10.21 -20.92
N CYS C 52 9.50 -10.01 -20.70
CA CYS C 52 10.34 -11.10 -20.20
C CYS C 52 9.76 -11.68 -18.92
N THR C 53 9.17 -10.84 -18.08
CA THR C 53 8.51 -11.33 -16.86
C THR C 53 7.30 -12.18 -17.23
N SER C 54 6.44 -11.68 -18.12
CA SER C 54 5.28 -12.45 -18.56
C SER C 54 5.69 -13.85 -19.00
N GLN C 55 6.84 -13.95 -19.66
CA GLN C 55 7.41 -15.23 -20.06
C GLN C 55 8.37 -15.78 -19.03
N GLY C 56 8.19 -15.43 -17.76
CA GLY C 56 8.99 -16.05 -16.71
C GLY C 56 10.48 -15.88 -16.90
N ALA C 57 10.87 -14.80 -17.56
CA ALA C 57 12.27 -14.50 -17.82
C ALA C 57 12.56 -13.07 -17.40
N HIS C 58 13.82 -12.68 -17.54
CA HIS C 58 14.26 -11.30 -17.37
C HIS C 58 15.21 -10.96 -18.50
N LEU C 59 15.43 -9.66 -18.71
CA LEU C 59 16.35 -9.21 -19.75
C LEU C 59 17.74 -9.77 -19.49
N ALA C 60 18.33 -10.35 -20.52
CA ALA C 60 19.54 -11.15 -20.37
C ALA C 60 20.61 -10.41 -19.57
N SER C 61 21.47 -11.19 -18.93
CA SER C 61 22.63 -10.72 -18.18
C SER C 61 23.90 -11.28 -18.85
N VAL C 62 25.05 -11.00 -18.25
CA VAL C 62 26.30 -11.59 -18.70
C VAL C 62 27.11 -12.09 -17.50
N THR C 63 27.01 -13.38 -17.20
CA THR C 63 27.89 -13.97 -16.21
C THR C 63 29.30 -14.20 -16.75
N SER C 64 29.45 -14.30 -18.07
CA SER C 64 30.73 -14.58 -18.70
C SER C 64 30.88 -13.71 -19.94
N GLN C 65 32.02 -13.87 -20.62
CA GLN C 65 32.30 -13.14 -21.86
C GLN C 65 31.96 -13.94 -23.10
N GLU C 66 32.19 -15.26 -23.09
CA GLU C 66 31.75 -16.09 -24.20
C GLU C 66 30.24 -16.03 -24.37
N GLU C 67 29.52 -15.74 -23.27
CA GLU C 67 28.09 -15.50 -23.37
C GLU C 67 27.81 -14.29 -24.25
N GLN C 68 28.56 -13.21 -24.04
CA GLN C 68 28.35 -12.00 -24.85
C GLN C 68 28.54 -12.28 -26.33
N ALA C 69 29.49 -13.14 -26.68
CA ALA C 69 29.68 -13.50 -28.07
C ALA C 69 28.40 -14.09 -28.65
N PHE C 70 27.79 -15.03 -27.93
CA PHE C 70 26.53 -15.62 -28.37
C PHE C 70 25.51 -14.53 -28.68
N LEU C 71 25.29 -13.61 -27.75
CA LEU C 71 24.38 -12.50 -27.99
C LEU C 71 24.83 -11.68 -29.19
N VAL C 72 26.06 -11.15 -29.14
CA VAL C 72 26.51 -10.19 -30.15
C VAL C 72 26.34 -10.77 -31.55
N GLN C 73 26.82 -12.00 -31.76
CA GLN C 73 26.73 -12.59 -33.10
C GLN C 73 25.31 -13.02 -33.44
N THR C 74 24.46 -13.19 -32.43
CA THR C 74 23.03 -13.40 -32.68
C THR C 74 22.27 -12.09 -32.86
N THR C 75 22.80 -10.99 -32.33
CA THR C 75 22.20 -9.67 -32.51
C THR C 75 23.10 -8.73 -33.31
N SER C 76 24.17 -9.24 -33.92
CA SER C 76 25.00 -8.43 -34.79
C SER C 76 24.13 -7.73 -35.83
N SER C 77 24.39 -6.45 -36.04
CA SER C 77 23.55 -5.61 -36.88
C SER C 77 22.17 -5.40 -36.23
N GLY C 78 22.17 -5.17 -34.92
CA GLY C 78 20.93 -4.97 -34.19
C GLY C 78 21.12 -4.44 -32.79
N ASP C 79 20.32 -3.46 -32.41
CA ASP C 79 20.36 -2.89 -31.07
C ASP C 79 19.35 -3.64 -30.21
N HIS C 80 19.84 -4.31 -29.16
CA HIS C 80 18.97 -5.10 -28.30
C HIS C 80 19.15 -4.68 -26.86
N TRP C 81 18.03 -4.35 -26.21
CA TRP C 81 18.04 -4.07 -24.78
C TRP C 81 18.63 -5.24 -23.99
N ILE C 82 19.13 -4.93 -22.79
CA ILE C 82 19.54 -5.93 -21.83
C ILE C 82 19.18 -5.44 -20.44
N GLY C 83 19.38 -6.30 -19.45
CA GLY C 83 18.86 -6.06 -18.12
C GLY C 83 19.72 -5.18 -17.23
N LEU C 84 20.49 -4.27 -17.82
CA LEU C 84 21.31 -3.34 -17.05
C LEU C 84 20.67 -1.96 -17.07
N THR C 85 20.88 -1.22 -15.99
CA THR C 85 20.31 0.11 -15.82
C THR C 85 20.92 0.73 -14.58
N ASP C 86 21.05 2.07 -14.59
CA ASP C 86 21.55 2.78 -13.42
C ASP C 86 20.47 3.68 -12.81
N GLN C 87 19.22 3.21 -12.85
CA GLN C 87 18.13 3.91 -12.18
C GLN C 87 18.36 3.87 -10.66
N GLY C 88 17.47 4.53 -9.91
CA GLY C 88 17.58 4.58 -8.47
C GLY C 88 18.63 5.57 -8.03
N THR C 89 19.89 5.32 -8.41
CA THR C 89 20.96 6.29 -8.28
C THR C 89 21.74 6.28 -9.58
N GLU C 90 22.06 7.46 -10.10
CA GLU C 90 22.68 7.58 -11.41
C GLU C 90 23.99 6.81 -11.50
N GLY C 91 24.64 6.56 -10.37
CA GLY C 91 25.96 5.92 -10.38
C GLY C 91 25.98 4.42 -10.55
N ILE C 92 25.28 3.69 -9.69
CA ILE C 92 25.44 2.25 -9.65
C ILE C 92 24.66 1.60 -10.78
N TRP C 93 25.27 0.65 -11.46
CA TRP C 93 24.54 -0.24 -12.34
C TRP C 93 24.18 -1.52 -11.59
N ARG C 94 23.17 -2.22 -12.11
CA ARG C 94 22.76 -3.49 -11.52
C ARG C 94 21.83 -4.21 -12.47
N TRP C 95 21.94 -5.53 -12.50
CA TRP C 95 21.08 -6.35 -13.35
C TRP C 95 19.69 -6.47 -12.74
N VAL C 96 18.69 -6.55 -13.63
CA VAL C 96 17.31 -6.62 -13.17
C VAL C 96 16.93 -8.00 -12.65
N ASP C 97 17.66 -9.04 -13.06
CA ASP C 97 17.35 -10.39 -12.60
C ASP C 97 17.81 -10.60 -11.17
N GLY C 98 18.92 -10.00 -10.77
CA GLY C 98 19.44 -10.17 -9.44
C GLY C 98 20.94 -10.35 -9.41
N THR C 99 21.48 -10.87 -10.51
CA THR C 99 22.90 -11.13 -10.62
C THR C 99 23.73 -9.93 -10.12
N PRO C 100 24.61 -10.13 -9.15
CA PRO C 100 25.65 -9.12 -8.90
C PRO C 100 26.70 -9.30 -9.98
N PHE C 101 27.39 -8.23 -10.33
CA PHE C 101 28.28 -8.30 -11.47
C PHE C 101 29.68 -7.87 -11.11
N ASN C 102 30.61 -8.36 -11.93
CA ASN C 102 32.05 -8.21 -11.75
C ASN C 102 32.51 -6.82 -12.18
N ASN C 103 31.91 -5.80 -11.57
CA ASN C 103 32.28 -4.41 -11.85
C ASN C 103 33.75 -4.25 -12.23
N ALA C 104 34.66 -4.91 -11.50
CA ALA C 104 36.03 -5.07 -11.98
C ALA C 104 36.03 -5.57 -13.42
N GLN C 105 35.30 -6.64 -13.70
CA GLN C 105 34.95 -7.06 -15.06
C GLN C 105 33.93 -6.06 -15.56
N SER C 106 33.18 -6.42 -16.60
CA SER C 106 32.17 -5.53 -17.17
C SER C 106 32.83 -4.39 -17.94
N LYS C 107 34.16 -4.34 -17.92
CA LYS C 107 34.90 -3.42 -18.76
C LYS C 107 35.33 -4.17 -20.01
N GLY C 108 35.49 -3.45 -21.10
CA GLY C 108 35.72 -4.07 -22.40
C GLY C 108 34.41 -4.34 -23.09
N PHE C 109 33.38 -4.72 -22.33
CA PHE C 109 32.06 -4.89 -22.93
C PHE C 109 31.42 -3.56 -23.26
N TRP C 110 31.89 -2.46 -22.68
CA TRP C 110 31.38 -1.14 -23.03
C TRP C 110 32.11 -0.60 -24.26
N GLY C 111 31.46 0.34 -24.94
CA GLY C 111 32.10 1.02 -26.05
C GLY C 111 33.41 1.66 -25.65
N LYS C 112 34.18 2.11 -26.65
CA LYS C 112 35.50 2.67 -26.37
C LYS C 112 35.42 3.83 -25.39
N ASN C 113 34.37 4.63 -25.47
CA ASN C 113 34.09 5.69 -24.50
C ASN C 113 32.61 5.58 -24.12
N GLN C 114 32.32 4.77 -23.11
CA GLN C 114 30.95 4.47 -22.70
C GLN C 114 30.98 3.85 -21.32
N PRO C 115 29.99 4.12 -20.46
CA PRO C 115 28.78 4.95 -20.65
C PRO C 115 29.04 6.45 -20.65
N ASP C 116 28.18 7.20 -21.36
CA ASP C 116 28.28 8.65 -21.41
C ASP C 116 27.13 9.36 -20.72
N ASN C 117 25.98 8.72 -20.58
CA ASN C 117 24.82 9.33 -19.92
C ASN C 117 24.36 10.58 -20.67
N TRP C 118 24.34 10.50 -21.99
CA TRP C 118 24.04 11.66 -22.81
C TRP C 118 22.66 12.22 -22.49
N ARG C 119 22.53 13.53 -22.63
CA ARG C 119 21.27 14.23 -22.40
C ARG C 119 20.51 14.31 -23.72
N HIS C 120 19.36 13.64 -23.78
CA HIS C 120 18.57 13.55 -24.99
C HIS C 120 17.66 14.78 -25.14
N ARG C 121 17.10 14.93 -26.34
CA ARG C 121 16.30 16.12 -26.64
C ARG C 121 15.05 16.18 -25.77
N ASN C 122 14.41 15.04 -25.50
CA ASN C 122 13.20 15.02 -24.70
C ASN C 122 13.54 14.79 -23.23
N GLY C 123 14.47 15.61 -22.75
CA GLY C 123 14.78 15.71 -21.33
C GLY C 123 15.04 14.39 -20.64
N GLU C 124 15.74 13.48 -21.29
CA GLU C 124 16.05 12.18 -20.70
C GLU C 124 17.56 11.99 -20.62
N ARG C 125 18.02 11.39 -19.53
CA ARG C 125 19.39 10.89 -19.46
C ARG C 125 19.39 9.49 -20.06
N GLU C 126 20.48 8.75 -19.87
CA GLU C 126 20.58 7.37 -20.35
C GLU C 126 20.75 6.45 -19.15
N ASP C 127 19.73 5.63 -18.87
CA ASP C 127 19.75 4.75 -17.70
C ASP C 127 19.43 3.30 -18.07
N CYS C 128 19.54 2.94 -19.35
CA CYS C 128 19.27 1.59 -19.80
C CYS C 128 20.29 1.23 -20.87
N VAL C 129 20.66 -0.04 -20.92
CA VAL C 129 21.76 -0.50 -21.75
C VAL C 129 21.23 -1.40 -22.85
N HIS C 130 21.70 -1.19 -24.08
CA HIS C 130 21.45 -2.09 -25.19
C HIS C 130 22.80 -2.49 -25.78
N VAL C 131 22.77 -3.38 -26.77
CA VAL C 131 24.01 -3.92 -27.35
C VAL C 131 23.90 -3.94 -28.87
N ARG C 132 24.97 -3.47 -29.55
CA ARG C 132 25.16 -3.70 -30.97
C ARG C 132 26.35 -4.62 -31.21
N GLN C 133 27.52 -4.23 -30.72
CA GLN C 133 28.67 -5.11 -30.53
C GLN C 133 29.33 -4.91 -29.18
N GLN C 134 29.02 -3.82 -28.47
CA GLN C 134 29.46 -3.57 -27.12
C GLN C 134 28.41 -2.69 -26.47
N TRP C 135 28.36 -2.69 -25.15
CA TRP C 135 27.27 -2.04 -24.45
C TRP C 135 27.26 -0.53 -24.69
N ASN C 136 26.07 0.06 -24.56
CA ASN C 136 25.89 1.51 -24.55
C ASN C 136 24.66 1.82 -23.72
N ASP C 137 24.82 2.68 -22.72
CA ASP C 137 23.67 3.14 -21.95
C ASP C 137 22.84 4.07 -22.81
N MET C 138 21.52 4.00 -22.65
CA MET C 138 20.59 4.61 -23.58
C MET C 138 19.36 5.11 -22.82
N ALA C 139 18.63 6.03 -23.43
CA ALA C 139 17.38 6.51 -22.86
C ALA C 139 16.35 5.40 -22.81
N CYS C 140 15.81 5.14 -21.62
CA CYS C 140 14.95 3.98 -21.43
C CYS C 140 13.66 4.08 -22.26
N GLY C 141 13.13 5.29 -22.43
CA GLY C 141 11.92 5.44 -23.21
C GLY C 141 12.07 5.06 -24.67
N SER C 142 13.30 4.91 -25.16
CA SER C 142 13.51 4.58 -26.56
C SER C 142 13.10 3.13 -26.84
N SER C 143 12.45 2.92 -27.99
CA SER C 143 11.87 1.62 -28.31
C SER C 143 12.85 0.81 -29.17
N TYR C 144 13.65 0.00 -28.51
CA TYR C 144 14.52 -0.97 -29.16
C TYR C 144 13.93 -2.37 -28.98
N PRO C 145 14.38 -3.34 -29.79
CA PRO C 145 14.10 -4.75 -29.46
C PRO C 145 14.91 -5.18 -28.24
N TRP C 146 14.81 -6.44 -27.84
CA TRP C 146 15.43 -6.86 -26.58
C TRP C 146 15.77 -8.34 -26.64
N VAL C 147 16.35 -8.82 -25.55
CA VAL C 147 16.64 -10.24 -25.36
C VAL C 147 16.29 -10.62 -23.93
N CYS C 148 15.50 -11.67 -23.78
CA CYS C 148 15.18 -12.23 -22.46
C CYS C 148 16.09 -13.42 -22.19
N LYS C 149 16.30 -13.72 -20.90
CA LYS C 149 17.04 -14.91 -20.48
C LYS C 149 16.22 -15.70 -19.47
N LYS C 150 16.31 -17.03 -19.55
CA LYS C 150 15.54 -17.92 -18.70
C LYS C 150 16.43 -19.07 -18.24
N SER C 151 16.29 -19.44 -16.97
CA SER C 151 17.10 -20.49 -16.37
C SER C 151 16.36 -21.81 -16.38
N THR C 152 17.14 -22.90 -16.42
CA THR C 152 16.58 -24.25 -16.39
C THR C 152 17.59 -25.20 -15.78
N GLY C 153 17.08 -26.33 -15.29
CA GLY C 153 17.93 -27.42 -14.86
C GLY C 153 18.02 -28.47 -15.95
N TRP C 154 18.02 -28.02 -17.20
CA TRP C 154 17.95 -28.87 -18.37
C TRP C 154 19.18 -28.66 -19.22
N SER C 155 19.78 -29.75 -19.67
CA SER C 155 20.98 -29.68 -20.51
C SER C 155 21.06 -30.87 -21.46
N GLU D 5 -49.32 -12.10 12.12
CA GLU D 5 -48.39 -12.56 13.16
C GLU D 5 -47.41 -11.41 13.40
N ALA D 6 -46.20 -11.72 13.85
CA ALA D 6 -45.21 -10.68 14.11
C ALA D 6 -44.54 -10.32 12.79
N VAL D 7 -45.08 -9.31 12.12
CA VAL D 7 -44.66 -8.89 10.79
C VAL D 7 -43.84 -7.62 10.98
N ALA D 8 -42.52 -7.77 10.97
CA ALA D 8 -41.62 -6.63 11.03
C ALA D 8 -41.47 -5.94 9.69
N ALA D 9 -42.29 -6.31 8.70
CA ALA D 9 -42.25 -5.60 7.43
C ALA D 9 -42.59 -4.13 7.61
N GLN D 10 -43.49 -3.81 8.55
CA GLN D 10 -43.75 -2.42 8.88
C GLN D 10 -42.47 -1.68 9.24
N LYS D 11 -41.62 -2.31 10.06
CA LYS D 11 -40.34 -1.69 10.41
C LYS D 11 -39.40 -1.64 9.22
N GLN D 12 -39.40 -2.70 8.41
CA GLN D 12 -38.54 -2.71 7.21
C GLN D 12 -38.95 -1.59 6.26
N GLU D 13 -40.25 -1.49 5.97
CA GLU D 13 -40.73 -0.40 5.12
C GLU D 13 -40.47 0.96 5.77
N GLN D 14 -40.72 1.08 7.08
CA GLN D 14 -40.49 2.35 7.76
C GLN D 14 -39.06 2.82 7.59
N LYS D 15 -38.10 1.89 7.62
CA LYS D 15 -36.70 2.30 7.44
C LYS D 15 -36.46 2.84 6.03
N THR D 16 -36.91 2.12 5.01
CA THR D 16 -36.84 2.65 3.66
C THR D 16 -37.64 3.94 3.55
N GLN D 17 -38.89 3.90 4.03
CA GLN D 17 -39.73 5.09 4.04
C GLN D 17 -39.02 6.28 4.68
N ASN D 18 -38.20 6.01 5.71
CA ASN D 18 -37.44 7.10 6.33
C ASN D 18 -36.28 7.54 5.46
N GLN D 19 -35.60 6.58 4.82
CA GLN D 19 -34.42 6.90 4.01
C GLN D 19 -34.75 7.92 2.94
N VAL D 20 -35.93 7.81 2.32
CA VAL D 20 -36.27 8.73 1.24
C VAL D 20 -36.62 10.11 1.80
N LEU D 21 -37.17 10.17 3.01
CA LEU D 21 -37.44 11.46 3.64
C LEU D 21 -36.16 12.28 3.78
N GLN D 22 -35.09 11.65 4.30
CA GLN D 22 -33.82 12.36 4.42
C GLN D 22 -33.37 12.87 3.07
N LEU D 23 -33.62 12.12 2.00
CA LEU D 23 -33.19 12.53 0.67
C LEU D 23 -34.00 13.74 0.19
N ILE D 24 -35.32 13.59 0.08
CA ILE D 24 -36.12 14.71 -0.42
C ILE D 24 -36.07 15.87 0.56
N ALA D 25 -35.90 15.60 1.86
CA ALA D 25 -35.73 16.69 2.81
C ALA D 25 -34.48 17.49 2.51
N GLN D 26 -33.50 16.88 1.85
CA GLN D 26 -32.30 17.56 1.38
C GLN D 26 -32.36 17.86 -0.10
N ASN D 27 -33.56 17.83 -0.68
CA ASN D 27 -33.77 18.22 -2.08
C ASN D 27 -33.08 17.25 -3.05
N TRP D 28 -33.32 15.96 -2.87
CA TRP D 28 -33.06 14.96 -3.89
C TRP D 28 -34.36 14.78 -4.69
N LYS D 29 -34.27 14.83 -6.00
CA LYS D 29 -35.45 14.66 -6.85
C LYS D 29 -35.48 13.27 -7.48
N TYR D 30 -36.66 12.65 -7.45
CA TYR D 30 -36.86 11.31 -7.96
C TYR D 30 -37.15 11.37 -9.46
N PHE D 31 -36.64 10.37 -10.19
CA PHE D 31 -36.94 10.24 -11.61
C PHE D 31 -36.65 8.80 -12.04
N ASN D 32 -37.68 8.11 -12.50
CA ASN D 32 -37.58 6.79 -13.13
C ASN D 32 -36.57 5.89 -12.41
N GLY D 33 -36.84 5.68 -11.12
CA GLY D 33 -36.12 4.72 -10.32
C GLY D 33 -35.00 5.30 -9.49
N ASN D 34 -34.39 6.39 -9.95
CA ASN D 34 -33.23 6.95 -9.29
C ASN D 34 -33.58 8.26 -8.60
N PHE D 35 -32.73 8.65 -7.65
CA PHE D 35 -32.78 9.96 -7.01
C PHE D 35 -31.61 10.80 -7.51
N TYR D 36 -31.90 12.05 -7.86
CA TYR D 36 -30.90 12.96 -8.41
C TYR D 36 -30.77 14.19 -7.52
N TYR D 37 -29.54 14.66 -7.35
CA TYR D 37 -29.26 15.86 -6.57
C TYR D 37 -28.56 16.88 -7.46
N PHE D 38 -29.16 18.06 -7.60
CA PHE D 38 -28.56 19.15 -8.35
C PHE D 38 -27.93 20.12 -7.36
N SER D 39 -26.62 20.29 -7.44
CA SER D 39 -25.89 20.98 -6.38
C SER D 39 -26.17 22.47 -6.40
N ARG D 40 -26.01 23.10 -5.23
CA ARG D 40 -26.13 24.55 -5.08
C ARG D 40 -24.79 25.25 -5.07
N ASP D 41 -23.71 24.53 -4.81
CA ASP D 41 -22.35 25.05 -4.90
C ASP D 41 -21.71 24.59 -6.20
N LYS D 42 -20.53 25.12 -6.50
CA LYS D 42 -19.77 24.74 -7.68
C LYS D 42 -18.39 24.28 -7.23
N LYS D 43 -17.95 23.13 -7.73
CA LYS D 43 -16.69 22.54 -7.32
C LYS D 43 -16.09 21.81 -8.50
N PRO D 44 -14.81 21.46 -8.43
CA PRO D 44 -14.19 20.67 -9.51
C PRO D 44 -14.85 19.31 -9.65
N TRP D 45 -14.40 18.59 -10.69
CA TRP D 45 -15.00 17.30 -11.01
C TRP D 45 -14.70 16.28 -9.91
N ARG D 46 -13.43 16.16 -9.51
CA ARG D 46 -13.06 15.22 -8.45
C ARG D 46 -13.69 15.63 -7.13
N GLU D 47 -13.60 16.92 -6.78
CA GLU D 47 -14.27 17.39 -5.57
C GLU D 47 -15.75 17.10 -5.62
N ALA D 48 -16.36 17.23 -6.81
CA ALA D 48 -17.77 16.94 -6.97
C ALA D 48 -18.07 15.46 -6.73
N GLU D 49 -17.16 14.58 -7.17
CA GLU D 49 -17.41 13.15 -7.03
C GLU D 49 -17.28 12.69 -5.58
N LYS D 50 -16.28 13.21 -4.86
CA LYS D 50 -16.15 12.91 -3.44
C LYS D 50 -17.44 13.22 -2.70
N PHE D 51 -18.17 14.26 -3.11
CA PHE D 51 -19.46 14.56 -2.52
C PHE D 51 -20.47 13.46 -2.82
N CYS D 52 -20.67 13.17 -4.11
CA CYS D 52 -21.65 12.15 -4.48
C CYS D 52 -21.36 10.82 -3.79
N THR D 53 -20.07 10.47 -3.65
CA THR D 53 -19.72 9.25 -2.94
C THR D 53 -20.10 9.35 -1.48
N SER D 54 -19.73 10.45 -0.82
CA SER D 54 -20.06 10.65 0.58
C SER D 54 -21.56 10.45 0.80
N GLN D 55 -22.38 10.88 -0.17
CA GLN D 55 -23.82 10.73 -0.10
C GLN D 55 -24.29 9.45 -0.77
N GLY D 56 -23.43 8.45 -0.86
CA GLY D 56 -23.79 7.15 -1.41
C GLY D 56 -24.29 7.19 -2.84
N ALA D 57 -23.81 8.14 -3.64
CA ALA D 57 -24.24 8.30 -5.02
C ALA D 57 -23.02 8.42 -5.92
N HIS D 58 -23.25 8.59 -7.22
CA HIS D 58 -22.20 8.89 -8.18
C HIS D 58 -22.70 10.00 -9.10
N LEU D 59 -21.74 10.67 -9.77
CA LEU D 59 -22.12 11.67 -10.76
C LEU D 59 -22.98 11.05 -11.85
N ALA D 60 -24.13 11.66 -12.11
CA ALA D 60 -25.17 11.04 -12.90
C ALA D 60 -24.61 10.44 -14.19
N SER D 61 -25.30 9.40 -14.66
CA SER D 61 -25.04 8.74 -15.94
C SER D 61 -26.28 8.88 -16.82
N VAL D 62 -26.23 8.27 -18.00
CA VAL D 62 -27.38 8.22 -18.90
C VAL D 62 -27.54 6.79 -19.39
N THR D 63 -28.40 6.02 -18.73
CA THR D 63 -28.79 4.73 -19.26
C THR D 63 -29.75 4.89 -20.43
N SER D 64 -30.44 6.03 -20.51
CA SER D 64 -31.44 6.28 -21.53
C SER D 64 -31.27 7.71 -22.04
N GLN D 65 -32.13 8.10 -22.97
CA GLN D 65 -32.13 9.46 -23.51
C GLN D 65 -33.14 10.37 -22.83
N GLU D 66 -34.32 9.84 -22.48
CA GLU D 66 -35.28 10.61 -21.71
C GLU D 66 -34.68 11.05 -20.37
N GLU D 67 -33.71 10.27 -19.85
CA GLU D 67 -33.00 10.70 -18.66
C GLU D 67 -32.28 12.02 -18.91
N GLN D 68 -31.58 12.13 -20.04
CA GLN D 68 -30.87 13.35 -20.35
C GLN D 68 -31.82 14.54 -20.40
N ALA D 69 -33.02 14.32 -20.95
CA ALA D 69 -34.02 15.40 -20.98
C ALA D 69 -34.34 15.87 -19.58
N PHE D 70 -34.58 14.93 -18.66
CA PHE D 70 -34.84 15.28 -17.26
C PHE D 70 -33.73 16.17 -16.71
N LEU D 71 -32.47 15.76 -16.89
CA LEU D 71 -31.36 16.59 -16.46
C LEU D 71 -31.40 17.94 -17.16
N VAL D 72 -31.35 17.94 -18.49
CA VAL D 72 -31.20 19.18 -19.25
C VAL D 72 -32.28 20.18 -18.85
N GLN D 73 -33.54 19.74 -18.86
CA GLN D 73 -34.62 20.68 -18.56
C GLN D 73 -34.67 21.06 -17.09
N THR D 74 -34.02 20.27 -16.22
CA THR D 74 -33.83 20.68 -14.84
C THR D 74 -32.63 21.60 -14.69
N THR D 75 -31.68 21.53 -15.63
CA THR D 75 -30.53 22.42 -15.64
C THR D 75 -30.46 23.32 -16.87
N SER D 76 -31.51 23.42 -17.67
CA SER D 76 -31.48 24.35 -18.79
C SER D 76 -31.01 25.69 -18.27
N SER D 77 -30.06 26.29 -19.00
CA SER D 77 -29.34 27.48 -18.52
C SER D 77 -28.43 27.15 -17.34
N GLY D 78 -27.69 26.05 -17.46
CA GLY D 78 -26.77 25.63 -16.40
C GLY D 78 -25.77 24.57 -16.79
N ASP D 79 -24.50 24.81 -16.44
CA ASP D 79 -23.41 23.87 -16.72
C ASP D 79 -23.21 22.95 -15.53
N HIS D 80 -23.40 21.65 -15.75
CA HIS D 80 -23.35 20.67 -14.67
C HIS D 80 -22.40 19.53 -15.01
N TRP D 81 -21.45 19.25 -14.12
CA TRP D 81 -20.63 18.06 -14.25
C TRP D 81 -21.53 16.81 -14.35
N ILE D 82 -20.99 15.76 -14.94
CA ILE D 82 -21.59 14.43 -14.92
C ILE D 82 -20.47 13.40 -14.82
N GLY D 83 -20.86 12.13 -14.70
CA GLY D 83 -19.91 11.10 -14.34
C GLY D 83 -19.13 10.49 -15.50
N LEU D 84 -18.90 11.27 -16.55
CA LEU D 84 -18.13 10.81 -17.70
C LEU D 84 -16.74 11.43 -17.67
N THR D 85 -15.76 10.68 -18.17
CA THR D 85 -14.39 11.17 -18.18
C THR D 85 -13.52 10.18 -18.96
N ASP D 86 -12.51 10.71 -19.63
CA ASP D 86 -11.52 9.91 -20.34
C ASP D 86 -10.14 10.12 -19.73
N GLN D 87 -10.06 10.21 -18.41
CA GLN D 87 -8.80 10.43 -17.72
C GLN D 87 -7.80 9.31 -17.95
N GLY D 88 -8.14 8.10 -17.53
CA GLY D 88 -7.21 6.98 -17.63
C GLY D 88 -6.54 6.91 -18.98
N THR D 89 -7.31 6.86 -20.07
CA THR D 89 -6.76 6.97 -21.42
C THR D 89 -7.58 8.01 -22.19
N GLU D 90 -6.88 8.89 -22.91
CA GLU D 90 -7.53 10.03 -23.54
C GLU D 90 -8.63 9.61 -24.53
N GLY D 91 -8.54 8.41 -25.07
CA GLY D 91 -9.51 7.98 -26.06
C GLY D 91 -10.80 7.49 -25.46
N ILE D 92 -10.70 6.51 -24.57
CA ILE D 92 -11.87 5.82 -24.05
C ILE D 92 -12.55 6.66 -22.98
N TRP D 93 -13.86 6.81 -23.09
CA TRP D 93 -14.68 7.35 -22.01
C TRP D 93 -15.25 6.20 -21.18
N ARG D 94 -15.69 6.54 -19.97
CA ARG D 94 -16.32 5.57 -19.10
C ARG D 94 -16.99 6.30 -17.94
N TRP D 95 -18.13 5.76 -17.50
CA TRP D 95 -18.85 6.33 -16.38
C TRP D 95 -18.18 5.98 -15.06
N VAL D 96 -18.27 6.91 -14.11
CA VAL D 96 -17.63 6.72 -12.83
C VAL D 96 -18.41 5.76 -11.93
N ASP D 97 -19.72 5.61 -12.17
CA ASP D 97 -20.52 4.71 -11.35
C ASP D 97 -20.27 3.25 -11.69
N GLY D 98 -20.00 2.94 -12.96
CA GLY D 98 -19.78 1.57 -13.38
C GLY D 98 -20.48 1.27 -14.68
N THR D 99 -21.56 2.00 -14.95
CA THR D 99 -22.34 1.80 -16.15
C THR D 99 -21.43 1.69 -17.36
N PRO D 100 -21.48 0.59 -18.13
CA PRO D 100 -20.89 0.59 -19.46
C PRO D 100 -21.82 1.32 -20.40
N PHE D 101 -21.25 1.95 -21.40
CA PHE D 101 -22.01 2.81 -22.31
C PHE D 101 -21.70 2.43 -23.75
N ASN D 102 -22.76 2.13 -24.50
CA ASN D 102 -22.70 1.69 -25.88
C ASN D 102 -21.74 2.52 -26.72
N ASN D 103 -21.56 3.79 -26.38
CA ASN D 103 -20.68 4.68 -27.11
C ASN D 103 -21.09 4.75 -28.58
N ALA D 104 -22.33 4.36 -28.87
CA ALA D 104 -22.92 4.46 -30.20
C ALA D 104 -24.23 5.22 -30.19
N GLN D 105 -25.06 5.04 -29.16
CA GLN D 105 -26.15 5.97 -28.88
C GLN D 105 -25.63 7.25 -28.26
N SER D 106 -24.44 7.18 -27.66
CA SER D 106 -23.81 8.35 -27.05
C SER D 106 -23.78 9.53 -28.01
N LYS D 107 -23.59 9.24 -29.31
CA LYS D 107 -23.69 10.28 -30.31
C LYS D 107 -25.06 10.96 -30.21
N GLY D 108 -25.10 12.22 -30.63
CA GLY D 108 -26.27 13.05 -30.47
C GLY D 108 -26.28 13.81 -29.16
N PHE D 109 -25.81 13.16 -28.08
CA PHE D 109 -25.70 13.85 -26.80
C PHE D 109 -24.52 14.81 -26.75
N TRP D 110 -23.54 14.67 -27.64
CA TRP D 110 -22.41 15.60 -27.65
C TRP D 110 -22.73 16.85 -28.45
N GLY D 111 -22.02 17.93 -28.12
CA GLY D 111 -22.17 19.16 -28.87
C GLY D 111 -21.98 18.93 -30.34
N LYS D 112 -22.33 19.91 -31.17
CA LYS D 112 -22.27 19.72 -32.62
C LYS D 112 -20.88 19.30 -33.06
N ASN D 113 -19.83 19.78 -32.40
CA ASN D 113 -18.47 19.32 -32.62
C ASN D 113 -17.85 19.08 -31.25
N GLN D 114 -18.02 17.86 -30.72
CA GLN D 114 -17.61 17.50 -29.38
C GLN D 114 -17.56 15.99 -29.29
N PRO D 115 -16.63 15.41 -28.52
CA PRO D 115 -15.59 16.09 -27.71
C PRO D 115 -14.47 16.67 -28.55
N ASP D 116 -13.85 17.75 -28.06
CA ASP D 116 -12.73 18.38 -28.74
C ASP D 116 -11.40 18.24 -28.02
N ASN D 117 -11.41 18.00 -26.71
CA ASN D 117 -10.17 17.87 -25.94
C ASN D 117 -9.34 19.15 -25.99
N TRP D 118 -10.01 20.29 -25.88
CA TRP D 118 -9.37 21.57 -26.07
C TRP D 118 -8.22 21.77 -25.08
N ARG D 119 -7.19 22.49 -25.53
CA ARG D 119 -6.03 22.80 -24.71
C ARG D 119 -6.29 24.15 -24.02
N HIS D 120 -6.39 24.12 -22.70
CA HIS D 120 -6.69 25.32 -21.94
C HIS D 120 -5.41 26.11 -21.66
N ARG D 121 -5.58 27.37 -21.23
CA ARG D 121 -4.42 28.23 -21.02
C ARG D 121 -3.52 27.66 -19.95
N ASN D 122 -4.12 27.07 -18.91
CA ASN D 122 -3.36 26.39 -17.87
C ASN D 122 -3.27 24.93 -18.28
N GLY D 123 -2.17 24.29 -17.91
CA GLY D 123 -1.67 23.18 -18.70
C GLY D 123 -2.53 21.94 -18.64
N GLU D 124 -3.84 22.12 -18.82
CA GLU D 124 -4.79 21.03 -18.70
C GLU D 124 -5.49 20.77 -20.03
N ARG D 125 -5.73 19.49 -20.31
CA ARG D 125 -6.59 19.06 -21.40
C ARG D 125 -8.02 19.03 -20.88
N GLU D 126 -8.92 18.41 -21.64
CA GLU D 126 -10.31 18.24 -21.23
C GLU D 126 -10.59 16.77 -21.05
N ASP D 127 -10.83 16.35 -19.79
CA ASP D 127 -11.07 14.96 -19.46
C ASP D 127 -12.31 14.78 -18.60
N CYS D 128 -13.20 15.77 -18.57
CA CYS D 128 -14.42 15.70 -17.78
C CYS D 128 -15.55 16.34 -18.55
N VAL D 129 -16.76 15.83 -18.36
CA VAL D 129 -17.91 16.20 -19.17
C VAL D 129 -18.93 16.92 -18.30
N HIS D 130 -19.48 18.02 -18.82
CA HIS D 130 -20.60 18.71 -18.21
C HIS D 130 -21.72 18.85 -19.25
N VAL D 131 -22.84 19.41 -18.82
CA VAL D 131 -24.02 19.52 -19.66
C VAL D 131 -24.58 20.92 -19.57
N ARG D 132 -24.85 21.53 -20.73
CA ARG D 132 -25.66 22.73 -20.85
C ARG D 132 -26.97 22.43 -21.56
N GLN D 133 -26.88 21.93 -22.79
CA GLN D 133 -27.98 21.28 -23.50
C GLN D 133 -27.51 20.00 -24.18
N GLN D 134 -26.20 19.82 -24.32
CA GLN D 134 -25.57 18.60 -24.80
C GLN D 134 -24.17 18.56 -24.19
N TRP D 135 -23.59 17.36 -24.16
CA TRP D 135 -22.34 17.16 -23.44
C TRP D 135 -21.21 17.99 -24.05
N ASN D 136 -20.22 18.27 -23.20
CA ASN D 136 -18.97 18.89 -23.63
C ASN D 136 -17.86 18.44 -22.69
N ASP D 137 -16.78 17.88 -23.24
CA ASP D 137 -15.63 17.55 -22.40
C ASP D 137 -14.95 18.86 -21.99
N MET D 138 -14.43 18.87 -20.76
CA MET D 138 -13.99 20.11 -20.12
C MET D 138 -12.79 19.80 -19.24
N ALA D 139 -12.04 20.84 -18.90
CA ALA D 139 -10.94 20.71 -17.96
C ALA D 139 -11.48 20.38 -16.57
N CYS D 140 -10.99 19.29 -15.99
CA CYS D 140 -11.55 18.78 -14.75
C CYS D 140 -11.33 19.77 -13.60
N GLY D 141 -10.22 20.50 -13.60
CA GLY D 141 -9.97 21.46 -12.54
C GLY D 141 -10.96 22.60 -12.48
N SER D 142 -11.79 22.77 -13.51
CA SER D 142 -12.74 23.87 -13.53
C SER D 142 -13.87 23.62 -12.54
N SER D 143 -14.32 24.68 -11.88
CA SER D 143 -15.31 24.58 -10.81
C SER D 143 -16.69 24.80 -11.40
N TYR D 144 -17.37 23.72 -11.73
CA TYR D 144 -18.76 23.72 -12.13
C TYR D 144 -19.63 23.15 -11.01
N PRO D 145 -20.95 23.38 -11.07
CA PRO D 145 -21.86 22.58 -10.23
C PRO D 145 -21.96 21.18 -10.80
N TRP D 146 -22.78 20.32 -10.20
CA TRP D 146 -22.80 18.92 -10.61
C TRP D 146 -24.17 18.32 -10.33
N VAL D 147 -24.32 17.06 -10.71
CA VAL D 147 -25.52 16.28 -10.41
C VAL D 147 -25.07 14.89 -10.00
N CYS D 148 -25.58 14.42 -8.86
CA CYS D 148 -25.37 13.05 -8.39
C CYS D 148 -26.57 12.20 -8.78
N LYS D 149 -26.34 10.89 -8.91
CA LYS D 149 -27.41 9.93 -9.15
C LYS D 149 -27.32 8.80 -8.13
N LYS D 150 -28.49 8.33 -7.68
CA LYS D 150 -28.56 7.29 -6.65
C LYS D 150 -29.64 6.29 -7.03
N SER D 151 -29.35 5.02 -6.84
CA SER D 151 -30.27 3.94 -7.20
C SER D 151 -31.05 3.49 -5.98
N THR D 152 -32.26 3.00 -6.22
CA THR D 152 -33.11 2.49 -5.16
C THR D 152 -34.05 1.44 -5.71
N GLY D 153 -34.55 0.59 -4.81
CA GLY D 153 -35.60 -0.35 -5.13
C GLY D 153 -36.94 0.17 -4.69
N TRP D 154 -37.14 1.49 -4.83
CA TRP D 154 -38.31 2.19 -4.30
C TRP D 154 -39.06 2.83 -5.46
N SER D 155 -40.38 2.65 -5.48
CA SER D 155 -41.22 3.22 -6.52
C SER D 155 -42.64 3.49 -6.00
N GLU E 5 11.37 -10.02 48.88
CA GLU E 5 12.61 -9.34 49.25
C GLU E 5 13.62 -9.36 48.11
N ALA E 6 13.30 -10.08 47.03
CA ALA E 6 14.12 -10.12 45.84
C ALA E 6 13.73 -8.91 44.99
N VAL E 7 14.47 -7.82 45.12
CA VAL E 7 14.11 -6.56 44.48
C VAL E 7 14.97 -6.40 43.24
N ALA E 8 14.39 -6.76 42.10
CA ALA E 8 15.02 -6.54 40.80
C ALA E 8 14.83 -5.11 40.30
N ALA E 9 14.30 -4.22 41.14
CA ALA E 9 14.20 -2.81 40.77
C ALA E 9 15.56 -2.22 40.48
N GLN E 10 16.59 -2.68 41.19
CA GLN E 10 17.95 -2.28 40.87
C GLN E 10 18.25 -2.53 39.40
N LYS E 11 17.83 -3.69 38.89
CA LYS E 11 18.02 -4.00 37.47
C LYS E 11 17.18 -3.10 36.58
N GLN E 12 15.93 -2.83 36.97
CA GLN E 12 15.09 -1.95 36.16
C GLN E 12 15.68 -0.54 36.08
N GLU E 13 16.01 0.05 37.23
CA GLU E 13 16.65 1.35 37.24
C GLU E 13 18.00 1.30 36.54
N GLN E 14 18.74 0.22 36.77
CA GLN E 14 20.02 0.03 36.09
C GLN E 14 19.86 0.13 34.58
N LYS E 15 18.76 -0.37 34.05
CA LYS E 15 18.52 -0.32 32.62
C LYS E 15 18.35 1.12 32.18
N THR E 16 17.50 1.87 32.88
CA THR E 16 17.37 3.31 32.63
C THR E 16 18.71 4.01 32.87
N GLN E 17 19.33 3.76 34.02
CA GLN E 17 20.64 4.34 34.32
C GLN E 17 21.62 4.13 33.17
N ASN E 18 21.52 2.99 32.48
CA ASN E 18 22.40 2.75 31.33
C ASN E 18 21.96 3.57 30.12
N GLN E 19 20.64 3.68 29.91
CA GLN E 19 20.13 4.37 28.73
C GLN E 19 20.66 5.80 28.64
N VAL E 20 20.76 6.48 29.79
CA VAL E 20 21.21 7.86 29.77
C VAL E 20 22.70 7.95 29.50
N LEU E 21 23.48 6.96 29.93
CA LEU E 21 24.90 6.93 29.62
C LEU E 21 25.13 6.93 28.11
N GLN E 22 24.40 6.08 27.39
CA GLN E 22 24.51 6.05 25.94
C GLN E 22 24.21 7.42 25.35
N LEU E 23 23.25 8.13 25.95
CA LEU E 23 22.88 9.45 25.43
C LEU E 23 24.00 10.45 25.66
N ILE E 24 24.35 10.71 26.93
CA ILE E 24 25.36 11.72 27.20
C ILE E 24 26.72 11.29 26.65
N ALA E 25 26.97 9.98 26.56
CA ALA E 25 28.20 9.52 25.93
C ALA E 25 28.26 9.92 24.46
N GLN E 26 27.11 10.13 23.83
CA GLN E 26 27.02 10.64 22.48
C GLN E 26 26.69 12.13 22.46
N ASN E 27 26.90 12.82 23.58
CA ASN E 27 26.72 14.27 23.67
C ASN E 27 25.25 14.67 23.49
N TRP E 28 24.37 14.02 24.25
CA TRP E 28 23.01 14.50 24.46
C TRP E 28 23.00 15.33 25.73
N LYS E 29 22.42 16.53 25.67
CA LYS E 29 22.36 17.39 26.84
C LYS E 29 20.97 17.36 27.46
N TYR E 30 20.92 17.27 28.79
CA TYR E 30 19.66 17.22 29.52
C TYR E 30 19.19 18.63 29.81
N PHE E 31 17.88 18.83 29.77
CA PHE E 31 17.29 20.11 30.13
C PHE E 31 15.82 19.90 30.44
N ASN E 32 15.43 20.17 31.69
CA ASN E 32 14.05 20.20 32.15
C ASN E 32 13.22 19.06 31.55
N GLY E 33 13.66 17.84 31.83
CA GLY E 33 12.92 16.65 31.51
C GLY E 33 13.29 15.98 30.21
N ASN E 34 13.80 16.75 29.25
CA ASN E 34 14.09 16.21 27.93
C ASN E 34 15.60 16.12 27.72
N PHE E 35 15.99 15.31 26.75
CA PHE E 35 17.36 15.26 26.26
C PHE E 35 17.42 15.89 24.87
N TYR E 36 18.43 16.72 24.66
CA TYR E 36 18.61 17.43 23.41
C TYR E 36 19.95 17.07 22.79
N TYR E 37 19.97 16.95 21.47
CA TYR E 37 21.19 16.67 20.70
C TYR E 37 21.38 17.78 19.67
N PHE E 38 22.51 18.49 19.76
CA PHE E 38 22.86 19.53 18.79
C PHE E 38 23.85 18.95 17.79
N SER E 39 23.44 18.89 16.53
CA SER E 39 24.18 18.12 15.55
C SER E 39 25.51 18.79 15.20
N ARG E 40 26.46 17.98 14.74
CA ARG E 40 27.75 18.45 14.26
C ARG E 40 27.83 18.52 12.75
N ASP E 41 26.94 17.84 12.03
CA ASP E 41 26.83 17.93 10.59
C ASP E 41 25.65 18.84 10.22
N LYS E 42 25.54 19.15 8.93
CA LYS E 42 24.43 19.94 8.41
C LYS E 42 23.76 19.16 7.30
N LYS E 43 22.44 19.05 7.36
CA LYS E 43 21.68 18.25 6.41
C LYS E 43 20.34 18.92 6.18
N PRO E 44 19.59 18.49 5.16
CA PRO E 44 18.25 19.04 4.94
C PRO E 44 17.31 18.74 6.09
N TRP E 45 16.12 19.33 6.01
CA TRP E 45 15.13 19.19 7.07
C TRP E 45 14.61 17.76 7.16
N ARG E 46 14.26 17.17 6.01
CA ARG E 46 13.77 15.79 6.00
C ARG E 46 14.87 14.84 6.46
N GLU E 47 16.06 14.98 5.90
CA GLU E 47 17.19 14.16 6.31
C GLU E 47 17.49 14.33 7.79
N ALA E 48 17.33 15.56 8.30
CA ALA E 48 17.56 15.79 9.72
C ALA E 48 16.56 15.03 10.57
N GLU E 49 15.30 14.96 10.13
CA GLU E 49 14.28 14.27 10.92
C GLU E 49 14.51 12.77 10.90
N LYS E 50 14.88 12.22 9.74
CA LYS E 50 15.21 10.80 9.66
C LYS E 50 16.29 10.43 10.68
N PHE E 51 17.23 11.33 10.96
CA PHE E 51 18.22 11.08 11.99
C PHE E 51 17.58 11.05 13.37
N CYS E 52 16.87 12.13 13.73
CA CYS E 52 16.25 12.19 15.05
C CYS E 52 15.36 10.98 15.30
N THR E 53 14.68 10.51 14.27
CA THR E 53 13.86 9.30 14.39
C THR E 53 14.73 8.07 14.63
N SER E 54 15.77 7.89 13.81
CA SER E 54 16.68 6.77 14.01
C SER E 54 17.15 6.70 15.45
N GLN E 55 17.41 7.87 16.05
CA GLN E 55 17.77 7.98 17.46
C GLN E 55 16.56 8.17 18.35
N GLY E 56 15.39 7.69 17.95
CA GLY E 56 14.25 7.68 18.85
C GLY E 56 13.86 9.03 19.36
N ALA E 57 14.15 10.08 18.60
CA ALA E 57 13.86 11.46 18.96
C ALA E 57 13.13 12.12 17.80
N HIS E 58 12.78 13.39 17.99
CA HIS E 58 12.22 14.23 16.94
C HIS E 58 12.89 15.60 17.00
N LEU E 59 12.77 16.35 15.91
CA LEU E 59 13.31 17.70 15.89
C LEU E 59 12.66 18.55 16.97
N ALA E 60 13.50 19.21 17.78
CA ALA E 60 13.04 19.84 19.01
C ALA E 60 11.80 20.69 18.79
N SER E 61 11.00 20.81 19.84
CA SER E 61 9.82 21.65 19.90
C SER E 61 10.01 22.70 20.99
N VAL E 62 8.98 23.49 21.23
CA VAL E 62 8.99 24.47 22.32
C VAL E 62 7.66 24.38 23.06
N THR E 63 7.64 23.62 24.16
CA THR E 63 6.50 23.66 25.07
C THR E 63 6.52 24.93 25.92
N SER E 64 7.68 25.55 26.09
CA SER E 64 7.82 26.73 26.92
C SER E 64 8.73 27.73 26.20
N GLN E 65 8.98 28.87 26.85
CA GLN E 65 9.86 29.89 26.31
C GLN E 65 11.28 29.79 26.86
N GLU E 66 11.43 29.45 28.15
CA GLU E 66 12.76 29.20 28.69
C GLU E 66 13.46 28.07 27.94
N GLU E 67 12.68 27.15 27.37
CA GLU E 67 13.27 26.13 26.50
C GLU E 67 13.97 26.77 25.32
N GLN E 68 13.31 27.73 24.68
CA GLN E 68 13.92 28.41 23.54
C GLN E 68 15.24 29.06 23.93
N ALA E 69 15.31 29.62 25.14
CA ALA E 69 16.57 30.19 25.61
C ALA E 69 17.67 29.14 25.61
N PHE E 70 17.38 27.96 26.16
CA PHE E 70 18.35 26.87 26.17
C PHE E 70 18.90 26.63 24.77
N LEU E 71 18.00 26.45 23.80
CA LEU E 71 18.43 26.29 22.42
C LEU E 71 19.25 27.48 21.96
N VAL E 72 18.64 28.67 22.00
CA VAL E 72 19.27 29.86 21.41
C VAL E 72 20.68 30.05 21.95
N GLN E 73 20.82 30.01 23.28
CA GLN E 73 22.14 30.24 23.86
C GLN E 73 23.07 29.06 23.65
N THR E 74 22.52 27.88 23.36
CA THR E 74 23.33 26.74 22.92
C THR E 74 23.61 26.77 21.43
N THR E 75 22.73 27.44 20.65
CA THR E 75 22.94 27.58 19.21
C THR E 75 23.17 29.03 18.80
N SER E 76 23.36 29.93 19.77
CA SER E 76 23.73 31.30 19.45
C SER E 76 24.94 31.28 18.52
N SER E 77 24.89 32.09 17.46
CA SER E 77 25.88 32.03 16.39
C SER E 77 25.75 30.71 15.62
N GLY E 78 24.51 30.30 15.36
CA GLY E 78 24.27 29.06 14.65
C GLY E 78 22.85 28.87 14.18
N ASP E 79 22.69 28.46 12.92
CA ASP E 79 21.38 28.17 12.34
C ASP E 79 21.09 26.69 12.51
N HIS E 80 20.04 26.37 13.28
CA HIS E 80 19.72 24.98 13.58
C HIS E 80 18.25 24.70 13.26
N TRP E 81 18.00 23.67 12.47
CA TRP E 81 16.64 23.22 12.19
C TRP E 81 15.83 22.92 13.45
N ILE E 82 14.51 22.96 13.36
CA ILE E 82 13.63 22.50 14.43
C ILE E 82 12.40 21.83 13.81
N GLY E 83 11.54 21.30 14.67
CA GLY E 83 10.47 20.44 14.21
C GLY E 83 9.20 21.13 13.78
N LEU E 84 9.28 22.36 13.28
CA LEU E 84 8.09 23.07 12.80
C LEU E 84 8.05 23.08 11.28
N THR E 85 6.84 23.05 10.74
CA THR E 85 6.69 23.04 9.29
C THR E 85 5.22 23.17 8.91
N ASP E 86 4.98 23.84 7.78
CA ASP E 86 3.65 24.02 7.22
C ASP E 86 3.53 23.41 5.82
N GLN E 87 4.16 22.26 5.62
CA GLN E 87 4.08 21.62 4.31
C GLN E 87 2.68 21.21 3.90
N GLY E 88 2.08 20.27 4.62
CA GLY E 88 0.78 19.75 4.25
C GLY E 88 -0.15 20.82 3.73
N THR E 89 -0.37 21.89 4.51
CA THR E 89 -1.09 23.06 4.03
C THR E 89 -0.28 24.30 4.38
N GLU E 90 -0.14 25.22 3.42
CA GLU E 90 0.74 26.36 3.59
C GLU E 90 0.35 27.23 4.78
N GLY E 91 -0.91 27.19 5.18
CA GLY E 91 -1.35 28.03 6.27
C GLY E 91 -0.98 27.48 7.63
N ILE E 92 -1.41 26.24 7.90
CA ILE E 92 -1.26 25.66 9.22
C ILE E 92 0.16 25.16 9.41
N TRP E 93 0.77 25.53 10.53
CA TRP E 93 2.01 24.94 11.01
C TRP E 93 1.67 23.83 12.01
N ARG E 94 2.64 22.94 12.24
CA ARG E 94 2.45 21.89 13.23
C ARG E 94 3.80 21.24 13.52
N TRP E 95 3.97 20.83 14.78
CA TRP E 95 5.19 20.16 15.20
C TRP E 95 5.20 18.72 14.70
N VAL E 96 6.39 18.22 14.38
CA VAL E 96 6.51 16.87 13.86
C VAL E 96 6.43 15.82 14.94
N ASP E 97 6.72 16.17 16.21
CA ASP E 97 6.67 15.19 17.28
C ASP E 97 5.25 14.87 17.72
N GLY E 98 4.35 15.85 17.68
CA GLY E 98 2.99 15.63 18.10
C GLY E 98 2.45 16.79 18.92
N THR E 99 3.35 17.50 19.59
CA THR E 99 2.98 18.66 20.40
C THR E 99 2.00 19.52 19.60
N PRO E 100 0.82 19.85 20.12
CA PRO E 100 0.02 20.89 19.48
C PRO E 100 0.70 22.21 19.76
N PHE E 101 0.55 23.15 18.85
CA PHE E 101 1.33 24.38 18.90
C PHE E 101 0.40 25.56 19.19
N ASN E 102 0.60 26.16 20.36
CA ASN E 102 -0.20 27.29 20.82
C ASN E 102 0.19 28.48 19.95
N ASN E 103 -0.52 28.61 18.82
CA ASN E 103 -0.28 29.74 17.92
C ASN E 103 -0.25 31.05 18.70
N ALA E 104 -1.13 31.18 19.69
CA ALA E 104 -1.25 32.41 20.46
C ALA E 104 0.10 32.90 20.99
N GLN E 105 0.70 32.17 21.93
CA GLN E 105 2.03 32.53 22.43
C GLN E 105 3.17 32.26 21.45
N SER E 106 2.95 31.45 20.41
CA SER E 106 4.02 31.19 19.46
C SER E 106 4.49 32.46 18.77
N LYS E 107 3.86 33.60 19.05
CA LYS E 107 4.31 34.87 18.53
C LYS E 107 5.47 35.35 19.40
N GLY E 108 6.32 36.18 18.81
CA GLY E 108 7.55 36.59 19.45
C GLY E 108 8.71 35.69 19.11
N PHE E 109 8.47 34.38 19.00
CA PHE E 109 9.51 33.47 18.56
C PHE E 109 9.82 33.60 17.08
N TRP E 110 8.95 34.22 16.30
CA TRP E 110 9.27 34.48 14.91
C TRP E 110 10.08 35.76 14.80
N GLY E 111 10.83 35.88 13.70
CA GLY E 111 11.53 37.11 13.43
C GLY E 111 10.58 38.30 13.45
N LYS E 112 11.12 39.52 13.46
CA LYS E 112 10.28 40.70 13.54
C LYS E 112 9.26 40.74 12.40
N ASN E 113 9.62 40.23 11.23
CA ASN E 113 8.68 40.05 10.11
C ASN E 113 8.89 38.65 9.55
N GLN E 114 8.19 37.67 10.13
CA GLN E 114 8.37 36.26 9.78
C GLN E 114 7.17 35.51 10.34
N PRO E 115 6.69 34.46 9.66
CA PRO E 115 7.13 33.87 8.39
C PRO E 115 6.81 34.69 7.15
N ASP E 116 7.65 34.57 6.11
CA ASP E 116 7.42 35.25 4.85
C ASP E 116 7.13 34.30 3.69
N ASN E 117 7.55 33.03 3.79
CA ASN E 117 7.32 32.05 2.72
C ASN E 117 8.01 32.51 1.43
N TRP E 118 9.24 33.00 1.56
CA TRP E 118 9.96 33.59 0.44
C TRP E 118 10.18 32.57 -0.67
N ARG E 119 10.19 33.06 -1.91
CA ARG E 119 10.42 32.22 -3.07
C ARG E 119 11.91 32.19 -3.39
N HIS E 120 12.52 31.01 -3.29
CA HIS E 120 13.95 30.84 -3.49
C HIS E 120 14.28 30.65 -4.97
N ARG E 121 15.59 30.75 -5.27
CA ARG E 121 16.05 30.68 -6.65
C ARG E 121 15.76 29.31 -7.27
N ASN E 122 15.88 28.25 -6.48
CA ASN E 122 15.62 26.90 -6.98
C ASN E 122 14.16 26.51 -6.75
N GLY E 123 13.28 27.37 -7.24
CA GLY E 123 11.84 27.16 -7.22
C GLY E 123 11.25 26.54 -5.97
N GLU E 124 11.72 26.95 -4.79
CA GLU E 124 11.21 26.42 -3.54
C GLU E 124 10.60 27.54 -2.71
N ARG E 125 9.52 27.23 -2.02
CA ARG E 125 8.97 28.11 -1.01
C ARG E 125 9.70 27.82 0.31
N GLU E 126 9.18 28.34 1.41
CA GLU E 126 9.74 28.10 2.73
C GLU E 126 8.71 27.37 3.59
N ASP E 127 8.98 26.11 3.92
CA ASP E 127 8.06 25.29 4.70
C ASP E 127 8.77 24.61 5.88
N CYS E 128 9.94 25.10 6.27
CA CYS E 128 10.69 24.53 7.38
C CYS E 128 11.31 25.67 8.16
N VAL E 129 11.43 25.47 9.47
CA VAL E 129 11.83 26.52 10.40
C VAL E 129 13.18 26.16 11.00
N HIS E 130 14.07 27.14 11.08
CA HIS E 130 15.33 27.03 11.79
C HIS E 130 15.42 28.16 12.82
N VAL E 131 16.50 28.17 13.59
CA VAL E 131 16.68 29.15 14.65
C VAL E 131 18.10 29.69 14.61
N ARG E 132 18.24 31.01 14.62
CA ARG E 132 19.51 31.68 14.91
C ARG E 132 19.41 32.44 16.23
N GLN E 133 18.46 33.36 16.33
CA GLN E 133 18.01 33.91 17.62
C GLN E 133 16.49 33.98 17.70
N GLN E 134 15.79 33.84 16.59
CA GLN E 134 14.34 33.70 16.54
C GLN E 134 14.03 32.89 15.28
N TRP E 135 12.84 32.29 15.27
CA TRP E 135 12.50 31.36 14.21
C TRP E 135 12.49 32.06 12.85
N ASN E 136 12.74 31.28 11.80
CA ASN E 136 12.58 31.75 10.43
C ASN E 136 12.22 30.56 9.55
N ASP E 137 11.12 30.67 8.83
CA ASP E 137 10.77 29.62 7.87
C ASP E 137 11.74 29.68 6.70
N MET E 138 12.10 28.50 6.18
CA MET E 138 13.22 28.37 5.27
C MET E 138 12.89 27.27 4.27
N ALA E 139 13.61 27.29 3.15
CA ALA E 139 13.49 26.22 2.16
C ALA E 139 13.98 24.91 2.76
N CYS E 140 13.13 23.88 2.72
CA CYS E 140 13.46 22.65 3.43
C CYS E 140 14.67 21.95 2.82
N GLY E 141 14.84 22.04 1.51
CA GLY E 141 15.97 21.38 0.87
C GLY E 141 17.33 21.91 1.31
N SER E 142 17.37 23.06 1.98
CA SER E 142 18.64 23.64 2.40
C SER E 142 19.25 22.85 3.54
N SER E 143 20.58 22.71 3.50
CA SER E 143 21.28 21.83 4.45
C SER E 143 21.77 22.63 5.65
N TYR E 144 20.97 22.63 6.70
CA TYR E 144 21.33 23.20 7.98
C TYR E 144 21.63 22.09 8.98
N PRO E 145 22.32 22.42 10.09
CA PRO E 145 22.35 21.50 11.23
C PRO E 145 21.00 21.50 11.94
N TRP E 146 20.86 20.76 13.02
CA TRP E 146 19.54 20.61 13.65
C TRP E 146 19.69 20.29 15.12
N VAL E 147 18.55 20.17 15.79
CA VAL E 147 18.50 19.75 17.19
C VAL E 147 17.37 18.76 17.34
N CYS E 148 17.66 17.61 17.93
CA CYS E 148 16.66 16.61 18.25
C CYS E 148 16.25 16.75 19.72
N LYS E 149 15.02 16.32 20.03
CA LYS E 149 14.54 16.30 21.40
C LYS E 149 14.00 14.92 21.76
N LYS E 150 14.24 14.51 23.01
CA LYS E 150 13.86 13.19 23.48
C LYS E 150 13.30 13.32 24.89
N SER E 151 12.22 12.60 25.15
CA SER E 151 11.55 12.64 26.44
C SER E 151 11.96 11.44 27.28
N THR E 152 11.92 11.62 28.60
CA THR E 152 12.26 10.55 29.53
C THR E 152 11.51 10.78 30.84
N GLY E 153 11.37 9.69 31.60
CA GLY E 153 10.86 9.78 32.96
C GLY E 153 12.01 9.80 33.94
N TRP E 154 13.09 10.45 33.55
CA TRP E 154 14.35 10.45 34.28
C TRP E 154 14.70 11.88 34.69
N SER E 155 15.13 12.04 35.94
CA SER E 155 15.51 13.36 36.45
C SER E 155 16.59 13.28 37.52
N GLU F 5 5.44 20.43 -22.87
CA GLU F 5 5.34 21.82 -22.52
C GLU F 5 5.06 21.84 -21.05
N ALA F 6 3.95 22.44 -20.65
CA ALA F 6 3.60 22.48 -19.28
C ALA F 6 2.62 21.40 -19.22
N VAL F 7 3.03 20.30 -18.67
CA VAL F 7 2.16 19.16 -18.49
C VAL F 7 1.91 18.91 -17.00
N ALA F 8 0.69 19.19 -16.60
CA ALA F 8 0.28 19.00 -15.25
C ALA F 8 0.22 17.53 -15.19
N ALA F 9 -0.87 16.98 -15.68
CA ALA F 9 -1.06 15.55 -15.74
C ALA F 9 -0.61 14.93 -14.45
N GLN F 10 0.71 15.03 -14.30
CA GLN F 10 1.46 14.58 -13.14
C GLN F 10 0.68 14.94 -11.96
N LYS F 11 0.33 16.20 -11.93
CA LYS F 11 -0.50 16.69 -10.85
C LYS F 11 -1.76 15.87 -10.94
N GLN F 12 -2.11 15.50 -12.14
CA GLN F 12 -3.28 14.68 -12.25
C GLN F 12 -2.94 13.41 -11.58
N GLU F 13 -2.04 12.68 -12.23
CA GLU F 13 -1.56 11.38 -11.79
C GLU F 13 -1.37 11.42 -10.31
N GLN F 14 -0.61 12.40 -9.93
CA GLN F 14 -0.37 12.64 -8.55
C GLN F 14 -1.58 12.55 -7.67
N LYS F 15 -2.65 13.03 -8.24
CA LYS F 15 -3.94 13.03 -7.56
C LYS F 15 -4.54 11.63 -7.51
N THR F 16 -4.61 10.95 -8.66
CA THR F 16 -5.05 9.57 -8.67
C THR F 16 -4.08 8.69 -7.86
N GLN F 17 -2.78 8.83 -8.14
CA GLN F 17 -1.77 8.08 -7.40
C GLN F 17 -1.96 8.23 -5.90
N ASN F 18 -2.43 9.40 -5.45
CA ASN F 18 -2.68 9.58 -4.02
C ASN F 18 -3.91 8.82 -3.57
N GLN F 19 -4.97 8.84 -4.39
CA GLN F 19 -6.23 8.22 -3.99
C GLN F 19 -6.03 6.74 -3.63
N VAL F 20 -5.18 6.03 -4.36
CA VAL F 20 -5.02 4.61 -4.10
C VAL F 20 -4.23 4.39 -2.82
N LEU F 21 -3.31 5.29 -2.49
CA LEU F 21 -2.59 5.18 -1.22
C LEU F 21 -3.54 5.23 -0.03
N GLN F 22 -4.46 6.19 -0.05
CA GLN F 22 -5.45 6.27 1.04
C GLN F 22 -6.22 4.97 1.16
N LEU F 23 -6.50 4.31 0.02
CA LEU F 23 -7.25 3.06 0.05
C LEU F 23 -6.44 1.94 0.67
N ILE F 24 -5.29 1.61 0.07
CA ILE F 24 -4.49 0.50 0.59
C ILE F 24 -3.97 0.86 1.98
N ALA F 25 -3.76 2.15 2.26
CA ALA F 25 -3.38 2.53 3.62
C ALA F 25 -4.47 2.18 4.61
N GLN F 26 -5.72 2.10 4.16
CA GLN F 26 -6.83 1.65 4.98
C GLN F 26 -7.18 0.20 4.70
N ASN F 27 -6.27 -0.54 4.07
CA ASN F 27 -6.42 -1.98 3.84
C ASN F 27 -7.55 -2.27 2.86
N TRP F 28 -7.55 -1.57 1.73
CA TRP F 28 -8.35 -1.95 0.57
C TRP F 28 -7.49 -2.83 -0.32
N LYS F 29 -8.04 -3.96 -0.75
CA LYS F 29 -7.32 -4.88 -1.62
C LYS F 29 -7.80 -4.75 -3.06
N TYR F 30 -6.83 -4.74 -3.98
CA TYR F 30 -7.11 -4.62 -5.41
C TYR F 30 -7.38 -5.98 -6.02
N PHE F 31 -8.28 -6.01 -7.00
CA PHE F 31 -8.54 -7.24 -7.76
C PHE F 31 -9.24 -6.87 -9.06
N ASN F 32 -8.59 -7.17 -10.17
CA ASN F 32 -9.18 -7.09 -11.50
C ASN F 32 -10.04 -5.84 -11.67
N GLY F 33 -9.42 -4.69 -11.47
CA GLY F 33 -10.03 -3.42 -11.77
C GLY F 33 -10.68 -2.75 -10.59
N ASN F 34 -11.12 -3.52 -9.60
CA ASN F 34 -11.88 -2.99 -8.47
C ASN F 34 -11.04 -3.03 -7.20
N PHE F 35 -11.45 -2.22 -6.22
CA PHE F 35 -10.90 -2.28 -4.88
C PHE F 35 -11.94 -2.88 -3.94
N TYR F 36 -11.49 -3.78 -3.06
CA TYR F 36 -12.37 -4.46 -2.13
C TYR F 36 -11.91 -4.20 -0.69
N TYR F 37 -12.87 -4.00 0.20
CA TYR F 37 -12.60 -3.78 1.61
C TYR F 37 -13.30 -4.86 2.42
N PHE F 38 -12.53 -5.65 3.16
CA PHE F 38 -13.06 -6.70 4.02
C PHE F 38 -13.07 -6.21 5.47
N SER F 39 -14.26 -6.07 6.04
CA SER F 39 -14.39 -5.34 7.28
C SER F 39 -13.79 -6.10 8.46
N ARG F 40 -13.42 -5.35 9.50
CA ARG F 40 -12.95 -5.94 10.74
C ARG F 40 -14.03 -5.97 11.81
N ASP F 41 -15.07 -5.15 11.67
CA ASP F 41 -16.22 -5.15 12.57
C ASP F 41 -17.37 -5.91 11.91
N LYS F 42 -18.43 -6.14 12.68
CA LYS F 42 -19.63 -6.82 12.20
C LYS F 42 -20.84 -5.93 12.45
N LYS F 43 -21.66 -5.75 11.42
CA LYS F 43 -22.81 -4.87 11.50
C LYS F 43 -23.93 -5.44 10.65
N PRO F 44 -25.17 -4.94 10.82
CA PRO F 44 -26.27 -5.38 9.96
C PRO F 44 -26.04 -5.01 8.50
N TRP F 45 -26.96 -5.46 7.63
CA TRP F 45 -26.79 -5.28 6.20
C TRP F 45 -26.83 -3.81 5.81
N ARG F 46 -27.85 -3.08 6.28
CA ARG F 46 -27.92 -1.66 5.96
C ARG F 46 -26.75 -0.89 6.56
N GLU F 47 -26.44 -1.14 7.84
CA GLU F 47 -25.30 -0.49 8.47
C GLU F 47 -24.03 -0.77 7.68
N ALA F 48 -23.92 -1.98 7.12
CA ALA F 48 -22.79 -2.29 6.26
C ALA F 48 -22.83 -1.45 5.00
N GLU F 49 -24.02 -1.22 4.44
CA GLU F 49 -24.13 -0.44 3.20
C GLU F 49 -23.87 1.04 3.48
N LYS F 50 -24.42 1.57 4.58
CA LYS F 50 -24.14 2.95 4.96
C LYS F 50 -22.64 3.20 5.03
N PHE F 51 -21.87 2.19 5.47
CA PHE F 51 -20.42 2.30 5.50
C PHE F 51 -19.87 2.34 4.08
N CYS F 52 -20.20 1.34 3.27
CA CYS F 52 -19.67 1.27 1.91
C CYS F 52 -19.96 2.56 1.13
N THR F 53 -21.14 3.13 1.34
CA THR F 53 -21.47 4.40 0.69
C THR F 53 -20.58 5.52 1.21
N SER F 54 -20.47 5.65 2.53
CA SER F 54 -19.64 6.69 3.10
C SER F 54 -18.24 6.66 2.49
N GLN F 55 -17.72 5.46 2.24
CA GLN F 55 -16.41 5.29 1.62
C GLN F 55 -16.51 5.17 0.11
N GLY F 56 -17.56 5.73 -0.48
CA GLY F 56 -17.69 5.77 -1.93
C GLY F 56 -17.72 4.41 -2.60
N ALA F 57 -18.21 3.40 -1.90
CA ALA F 57 -18.28 2.04 -2.42
C ALA F 57 -19.69 1.50 -2.20
N HIS F 58 -19.91 0.29 -2.68
CA HIS F 58 -21.14 -0.47 -2.43
C HIS F 58 -20.75 -1.90 -2.08
N LEU F 59 -21.68 -2.61 -1.46
CA LEU F 59 -21.46 -4.00 -1.12
C LEU F 59 -21.18 -4.82 -2.38
N ALA F 60 -20.09 -5.58 -2.35
CA ALA F 60 -19.55 -6.19 -3.56
C ALA F 60 -20.63 -6.91 -4.36
N SER F 61 -20.41 -6.98 -5.67
CA SER F 61 -21.23 -7.71 -6.62
C SER F 61 -20.38 -8.81 -7.25
N VAL F 62 -20.97 -9.55 -8.21
CA VAL F 62 -20.24 -10.57 -8.95
C VAL F 62 -20.57 -10.41 -10.44
N THR F 63 -19.70 -9.71 -11.17
CA THR F 63 -19.79 -9.72 -12.62
C THR F 63 -19.26 -11.01 -13.22
N SER F 64 -18.41 -11.73 -12.49
CA SER F 64 -17.79 -12.95 -12.98
C SER F 64 -17.78 -13.98 -11.86
N GLN F 65 -17.22 -15.16 -12.16
CA GLN F 65 -17.10 -16.25 -11.20
C GLN F 65 -15.73 -16.29 -10.53
N GLU F 66 -14.66 -16.00 -11.27
CA GLU F 66 -13.35 -15.88 -10.64
C GLU F 66 -13.34 -14.80 -9.57
N GLU F 67 -14.22 -13.80 -9.70
CA GLU F 67 -14.37 -12.79 -8.66
C GLU F 67 -14.82 -13.44 -7.36
N GLN F 68 -15.82 -14.33 -7.43
CA GLN F 68 -16.30 -14.99 -6.23
C GLN F 68 -15.18 -15.77 -5.54
N ALA F 69 -14.29 -16.39 -6.32
CA ALA F 69 -13.17 -17.09 -5.73
C ALA F 69 -12.33 -16.13 -4.88
N PHE F 70 -12.01 -14.96 -5.42
CA PHE F 70 -11.27 -13.96 -4.66
C PHE F 70 -11.94 -13.69 -3.33
N LEU F 71 -13.24 -13.41 -3.35
CA LEU F 71 -13.98 -13.19 -2.11
C LEU F 71 -13.88 -14.42 -1.20
N VAL F 72 -14.34 -15.57 -1.69
CA VAL F 72 -14.47 -16.75 -0.83
C VAL F 72 -13.15 -17.06 -0.13
N GLN F 73 -12.06 -17.09 -0.89
CA GLN F 73 -10.77 -17.44 -0.30
C GLN F 73 -10.23 -16.33 0.58
N THR F 74 -10.71 -15.10 0.41
CA THR F 74 -10.39 -14.01 1.33
C THR F 74 -11.30 -13.99 2.54
N THR F 75 -12.52 -14.55 2.43
CA THR F 75 -13.45 -14.63 3.54
C THR F 75 -13.72 -16.08 3.95
N SER F 76 -12.94 -17.03 3.43
CA SER F 76 -13.08 -18.42 3.84
C SER F 76 -13.03 -18.51 5.36
N SER F 77 -13.96 -19.29 5.93
CA SER F 77 -14.17 -19.36 7.37
C SER F 77 -14.70 -18.03 7.90
N GLY F 78 -15.65 -17.45 7.16
CA GLY F 78 -16.22 -16.17 7.54
C GLY F 78 -17.47 -15.83 6.77
N ASP F 79 -18.50 -15.36 7.47
CA ASP F 79 -19.76 -14.96 6.85
C ASP F 79 -19.70 -13.48 6.53
N HIS F 80 -19.79 -13.14 5.24
CA HIS F 80 -19.66 -11.75 4.82
C HIS F 80 -20.85 -11.34 3.97
N TRP F 81 -21.49 -10.24 4.38
CA TRP F 81 -22.55 -9.65 3.58
C TRP F 81 -22.09 -9.35 2.17
N ILE F 82 -23.04 -9.26 1.23
CA ILE F 82 -22.77 -8.75 -0.11
C ILE F 82 -24.00 -7.96 -0.55
N GLY F 83 -23.87 -7.33 -1.73
CA GLY F 83 -24.85 -6.35 -2.15
C GLY F 83 -26.07 -6.90 -2.84
N LEU F 84 -26.49 -8.11 -2.48
CA LEU F 84 -27.68 -8.72 -3.05
C LEU F 84 -28.82 -8.66 -2.04
N THR F 85 -30.04 -8.55 -2.55
CA THR F 85 -31.22 -8.49 -1.69
C THR F 85 -32.48 -8.51 -2.56
N ASP F 86 -33.53 -9.13 -2.03
CA ASP F 86 -34.84 -9.16 -2.66
C ASP F 86 -35.87 -8.45 -1.79
N GLN F 87 -35.46 -7.36 -1.13
CA GLN F 87 -36.36 -6.66 -0.22
C GLN F 87 -37.55 -6.06 -0.94
N GLY F 88 -37.31 -5.16 -1.89
CA GLY F 88 -38.39 -4.46 -2.57
C GLY F 88 -39.53 -5.40 -2.91
N THR F 89 -39.26 -6.49 -3.63
CA THR F 89 -40.23 -7.56 -3.84
C THR F 89 -39.55 -8.88 -3.51
N GLU F 90 -40.25 -9.74 -2.76
CA GLU F 90 -39.64 -10.94 -2.22
C GLU F 90 -39.08 -11.84 -3.32
N GLY F 91 -39.59 -11.74 -4.54
CA GLY F 91 -39.14 -12.59 -5.62
C GLY F 91 -37.86 -12.13 -6.26
N ILE F 92 -37.83 -10.88 -6.72
CA ILE F 92 -36.72 -10.38 -7.52
C ILE F 92 -35.57 -10.01 -6.60
N TRP F 93 -34.37 -10.46 -6.95
CA TRP F 93 -33.14 -9.98 -6.34
C TRP F 93 -32.57 -8.85 -7.20
N ARG F 94 -31.67 -8.07 -6.60
CA ARG F 94 -31.01 -7.01 -7.34
C ARG F 94 -29.82 -6.51 -6.55
N TRP F 95 -28.76 -6.13 -7.26
CA TRP F 95 -27.57 -5.60 -6.62
C TRP F 95 -27.81 -4.16 -6.20
N VAL F 96 -27.18 -3.77 -5.09
CA VAL F 96 -27.36 -2.43 -4.56
C VAL F 96 -26.53 -1.41 -5.34
N ASP F 97 -25.47 -1.83 -6.02
CA ASP F 97 -24.63 -0.90 -6.75
C ASP F 97 -25.28 -0.45 -8.06
N GLY F 98 -26.05 -1.33 -8.71
CA GLY F 98 -26.68 -1.00 -9.97
C GLY F 98 -26.58 -2.13 -10.98
N THR F 99 -25.53 -2.94 -10.84
CA THR F 99 -25.31 -4.06 -11.74
C THR F 99 -26.62 -4.84 -11.95
N PRO F 100 -27.02 -5.05 -13.20
CA PRO F 100 -28.11 -6.01 -13.45
C PRO F 100 -27.55 -7.41 -13.34
N PHE F 101 -28.42 -8.35 -12.94
CA PHE F 101 -27.96 -9.70 -12.67
C PHE F 101 -28.83 -10.69 -13.42
N ASN F 102 -28.24 -11.85 -13.70
CA ASN F 102 -28.90 -12.94 -14.41
C ASN F 102 -28.87 -14.16 -13.50
N ASN F 103 -30.04 -14.53 -12.95
CA ASN F 103 -30.10 -15.74 -12.15
C ASN F 103 -29.47 -16.91 -12.90
N ALA F 104 -29.56 -16.89 -14.23
CA ALA F 104 -28.88 -17.88 -15.06
C ALA F 104 -27.43 -18.07 -14.62
N GLN F 105 -26.63 -16.99 -14.69
CA GLN F 105 -25.27 -17.03 -14.16
C GLN F 105 -25.23 -17.04 -12.63
N SER F 106 -26.18 -16.38 -11.97
CA SER F 106 -26.20 -16.35 -10.51
C SER F 106 -26.57 -17.70 -9.90
N LYS F 107 -26.82 -18.72 -10.72
CA LYS F 107 -27.08 -20.05 -10.19
C LYS F 107 -25.75 -20.78 -10.09
N GLY F 108 -25.69 -21.73 -9.16
CA GLY F 108 -24.44 -22.37 -8.80
C GLY F 108 -23.73 -21.66 -7.66
N PHE F 109 -23.80 -20.33 -7.64
CA PHE F 109 -23.24 -19.59 -6.51
C PHE F 109 -24.07 -19.75 -5.25
N TRP F 110 -25.32 -20.19 -5.38
CA TRP F 110 -26.16 -20.41 -4.21
C TRP F 110 -25.89 -21.78 -3.61
N GLY F 111 -26.24 -21.93 -2.34
CA GLY F 111 -26.15 -23.22 -1.70
C GLY F 111 -26.94 -24.27 -2.46
N LYS F 112 -26.74 -25.55 -2.11
CA LYS F 112 -27.39 -26.64 -2.83
C LYS F 112 -28.91 -26.51 -2.81
N ASN F 113 -29.48 -25.99 -1.72
CA ASN F 113 -30.89 -25.66 -1.63
C ASN F 113 -30.95 -24.24 -1.07
N GLN F 114 -30.88 -23.25 -1.95
CA GLN F 114 -30.81 -21.84 -1.55
C GLN F 114 -31.14 -20.98 -2.76
N PRO F 115 -31.83 -19.85 -2.59
CA PRO F 115 -32.32 -19.26 -1.32
C PRO F 115 -33.52 -20.01 -0.73
N ASP F 116 -33.65 -19.96 0.59
CA ASP F 116 -34.77 -20.59 1.27
C ASP F 116 -35.76 -19.60 1.87
N ASN F 117 -35.35 -18.37 2.12
CA ASN F 117 -36.23 -17.35 2.69
C ASN F 117 -36.75 -17.80 4.07
N TRP F 118 -35.86 -18.37 4.86
CA TRP F 118 -36.24 -18.98 6.13
C TRP F 118 -36.86 -17.95 7.07
N ARG F 119 -37.81 -18.42 7.89
CA ARG F 119 -38.47 -17.58 8.87
C ARG F 119 -37.71 -17.67 10.19
N HIS F 120 -37.14 -16.55 10.62
CA HIS F 120 -36.35 -16.52 11.85
C HIS F 120 -37.25 -16.34 13.06
N ARG F 121 -36.67 -16.57 14.25
CA ARG F 121 -37.46 -16.48 15.49
C ARG F 121 -38.01 -15.08 15.65
N ASN F 122 -37.24 -14.07 15.27
CA ASN F 122 -37.71 -12.70 15.29
C ASN F 122 -38.31 -12.40 13.93
N GLY F 123 -39.31 -11.52 13.91
CA GLY F 123 -40.32 -11.59 12.88
C GLY F 123 -39.79 -11.18 11.51
N GLU F 124 -38.63 -11.72 11.14
CA GLU F 124 -37.96 -11.34 9.91
C GLU F 124 -37.88 -12.51 8.95
N ARG F 125 -38.03 -12.21 7.67
CA ARG F 125 -37.73 -13.15 6.59
C ARG F 125 -36.23 -13.05 6.30
N GLU F 126 -35.80 -13.61 5.18
CA GLU F 126 -34.41 -13.49 4.73
C GLU F 126 -34.39 -12.74 3.40
N ASP F 127 -33.85 -11.52 3.41
CA ASP F 127 -33.80 -10.67 2.22
C ASP F 127 -32.40 -10.11 1.97
N CYS F 128 -31.37 -10.70 2.57
CA CYS F 128 -30.01 -10.23 2.38
C CYS F 128 -29.09 -11.44 2.28
N VAL F 129 -28.02 -11.28 1.49
CA VAL F 129 -27.17 -12.40 1.10
C VAL F 129 -25.78 -12.19 1.70
N HIS F 130 -25.23 -13.26 2.28
CA HIS F 130 -23.84 -13.30 2.73
C HIS F 130 -23.16 -14.51 2.12
N VAL F 131 -21.86 -14.64 2.38
CA VAL F 131 -21.05 -15.71 1.78
C VAL F 131 -20.14 -16.32 2.84
N ARG F 132 -20.10 -17.65 2.88
CA ARG F 132 -19.04 -18.40 3.55
C ARG F 132 -18.21 -19.18 2.53
N GLN F 133 -18.87 -20.02 1.74
CA GLN F 133 -18.32 -20.56 0.49
C GLN F 133 -19.29 -20.50 -0.66
N GLN F 134 -20.58 -20.27 -0.40
CA GLN F 134 -21.58 -20.04 -1.43
C GLN F 134 -22.66 -19.17 -0.79
N TRP F 135 -23.43 -18.49 -1.63
CA TRP F 135 -24.38 -17.51 -1.13
C TRP F 135 -25.46 -18.16 -0.25
N ASN F 136 -26.01 -17.36 0.66
CA ASN F 136 -27.17 -17.75 1.45
C ASN F 136 -27.94 -16.49 1.79
N ASP F 137 -29.24 -16.46 1.47
CA ASP F 137 -30.07 -15.34 1.88
C ASP F 137 -30.29 -15.41 3.38
N MET F 138 -30.32 -14.25 4.03
CA MET F 138 -30.23 -14.18 5.48
C MET F 138 -31.07 -13.00 5.97
N ALA F 139 -31.42 -13.06 7.27
CA ALA F 139 -32.12 -11.96 7.89
C ALA F 139 -31.23 -10.73 7.93
N CYS F 140 -31.74 -9.61 7.37
CA CYS F 140 -30.89 -8.44 7.18
C CYS F 140 -30.47 -7.82 8.51
N GLY F 141 -31.33 -7.88 9.53
CA GLY F 141 -30.97 -7.30 10.81
C GLY F 141 -29.79 -7.97 11.49
N SER F 142 -29.37 -9.14 11.03
CA SER F 142 -28.27 -9.85 11.66
C SER F 142 -26.95 -9.16 11.35
N SER F 143 -26.07 -9.10 12.35
CA SER F 143 -24.84 -8.32 12.25
C SER F 143 -23.69 -9.23 11.83
N TYR F 144 -23.44 -9.28 10.53
CA TYR F 144 -22.29 -9.97 9.96
C TYR F 144 -21.27 -8.95 9.50
N PRO F 145 -20.02 -9.37 9.24
CA PRO F 145 -19.08 -8.49 8.53
C PRO F 145 -19.51 -8.35 7.07
N TRP F 146 -18.75 -7.62 6.26
CA TRP F 146 -19.21 -7.34 4.91
C TRP F 146 -18.01 -7.06 4.01
N VAL F 147 -18.31 -6.86 2.73
CA VAL F 147 -17.30 -6.49 1.74
C VAL F 147 -17.87 -5.39 0.87
N CYS F 148 -17.12 -4.30 0.73
CA CYS F 148 -17.46 -3.21 -0.17
C CYS F 148 -16.66 -3.38 -1.46
N LYS F 149 -17.21 -2.84 -2.55
CA LYS F 149 -16.50 -2.82 -3.82
C LYS F 149 -16.47 -1.40 -4.36
N LYS F 150 -15.35 -1.05 -4.98
CA LYS F 150 -15.12 0.30 -5.50
C LYS F 150 -14.49 0.19 -6.87
N SER F 151 -14.91 1.07 -7.77
CA SER F 151 -14.45 1.09 -9.15
C SER F 151 -13.35 2.13 -9.31
N THR F 152 -12.47 1.88 -10.29
CA THR F 152 -11.40 2.81 -10.61
C THR F 152 -11.00 2.64 -12.07
N GLY F 153 -10.39 3.68 -12.61
CA GLY F 153 -9.76 3.60 -13.92
C GLY F 153 -8.27 3.39 -13.80
N TRP F 154 -7.88 2.62 -12.79
CA TRP F 154 -6.49 2.45 -12.39
C TRP F 154 -6.09 0.98 -12.50
N SER F 155 -4.91 0.75 -13.08
CA SER F 155 -4.40 -0.60 -13.25
C SER F 155 -2.86 -0.63 -13.21
CA CA G . 3.27 -0.18 38.31
CA CA H . -1.90 -7.03 36.09
CA CA I . 10.37 -35.10 3.43
CA CA J . 15.01 -35.11 -3.60
CA CA K . 25.05 6.72 -24.76
CA CA L . 22.38 6.69 -16.33
CA CA M . -14.49 21.32 -24.93
CA CA N . -9.88 14.00 -22.59
CA CA O . 12.33 33.12 5.53
CA CA P . 5.36 27.67 4.18
CA CA Q . -31.16 -18.86 4.42
CA CA R . -35.93 -13.28 0.27
#